data_6D5J
#
_entry.id   6D5J
#
_cell.length_a   183.627
_cell.length_b   183.627
_cell.length_c   179.056
_cell.angle_alpha   90.00
_cell.angle_beta   90.00
_cell.angle_gamma   90.00
#
_symmetry.space_group_name_H-M   'I 4 2 2'
#
loop_
_entity.id
_entity.type
_entity.pdbx_description
1 polymer 'GTPase HRas'
2 polymer 'Son of sevenless homolog 1'
3 polymer 'GTPase HRas'
4 non-polymer 'PHOSPHOAMINOPHOSPHONIC ACID-GUANYLATE ESTER'
5 non-polymer 'MAGNESIUM ION'
6 non-polymer 6-chloro-1-[(4-fluoro-3,5-dimethylphenyl)methyl]-2-(piperazin-1-yl)-1H-benzimidazole
7 non-polymer 'FORMIC ACID'
8 non-polymer GLYCEROL
9 non-polymer 'SODIUM ION'
10 water water
#
loop_
_entity_poly.entity_id
_entity_poly.type
_entity_poly.pdbx_seq_one_letter_code
_entity_poly.pdbx_strand_id
1 'polypeptide(L)'
;GMTEYKLVVVGAGGVGKSALTIQLIQNHFVDEYDPTIEDSYRKQVVIDGET(CSO)LLDILDTAGQEEASAMRDQYMRTG
EGFLCVFAINNTKSFEDIHQYREQIKRVKDSDDVPMVLVGNKCDLAARTVESRQAQDLARSYGIPYIETSAKTRQGVEDA
FYTLVREIRQH
;
A
2 'polypeptide(L)'
;GQMRLPSADVYRFAEPDSEENIIFEENMQPKAGIPIIKAGTVIKLIERLTYHMYADPNFVRTFLTTYRSFCKPQELLSLI
IERFEIPEPEPTEADRIAIENGDQPLSAELKRFRKEYIQPVQLRVLNVCRHWVEHHFYDFERDAYLLQRMEEFIGTVRGK
AMKKWVESITKIIQRKKIARDNGPGHNITFQSSPPTVEWHISRPGHIETFDLLTLHPIEIARQLTLLESDLYRAVQPSEL
VGSVWTKEDKEINSPNLLKMIRHTTNLTLWFEKCIVETENLEERVAVVSRIIEILQVFQELNNFNGVLEVVSAMNSSPVY
RLDHTFEQIPSRQKKILEEAHELSEDHYKKYLAKLRSINPPCVPFFGIYLTNILKTEEGNPEVLKRHGKELINFSKRRKV
AEITGEIQQYQNQPYCLRVESDIKRFFENLNPMGNSMEKEFTDYLFNKSLEIEPRNPKPLPRFPKKYSYPLKSPGVRPSN
PR
;
B
3 'polypeptide(L)'
;GMTEYKLVVVGAGGVGKSALTIQLIQNHFVDEYDPTIEDSYRKQVVIDGETCLLDILDTAGQEEYSAMRDQYMRTGEGFL
CVFAINNTKSFEDIHQYREQIKRVKDSDDVPMVLVGNKCDLAARTVESRQAQDLARSYGIPYIETSAKTRQGVEDAFYTL
VREIRQH
;
C
#
loop_
_chem_comp.id
_chem_comp.type
_chem_comp.name
_chem_comp.formula
FMT non-polymer 'FORMIC ACID' 'C H2 O2'
FV4 non-polymer 6-chloro-1-[(4-fluoro-3,5-dimethylphenyl)methyl]-2-(piperazin-1-yl)-1H-benzimidazole 'C20 H22 Cl F N4'
GNP non-polymer 'PHOSPHOAMINOPHOSPHONIC ACID-GUANYLATE ESTER' 'C10 H17 N6 O13 P3'
GOL non-polymer GLYCEROL 'C3 H8 O3'
MG non-polymer 'MAGNESIUM ION' 'Mg 2'
NA non-polymer 'SODIUM ION' 'Na 1'
#
# COMPACT_ATOMS: atom_id res chain seq x y z
N MET A 2 -10.21 -2.60 -14.61
CA MET A 2 -10.89 -1.87 -13.55
C MET A 2 -11.23 -0.47 -14.02
N THR A 3 -12.52 -0.18 -14.12
CA THR A 3 -12.95 1.17 -14.43
C THR A 3 -12.89 2.02 -13.18
N GLU A 4 -12.44 3.25 -13.34
CA GLU A 4 -12.37 4.20 -12.23
C GLU A 4 -13.56 5.14 -12.32
N TYR A 5 -14.20 5.39 -11.16
CA TYR A 5 -15.36 6.29 -11.08
C TYR A 5 -15.06 7.40 -10.08
N LYS A 6 -15.29 8.65 -10.49
CA LYS A 6 -15.03 9.81 -9.63
C LYS A 6 -16.36 10.26 -9.03
N LEU A 7 -16.57 9.94 -7.76
CA LEU A 7 -17.80 10.31 -7.06
C LEU A 7 -17.51 11.49 -6.16
N VAL A 8 -18.49 12.39 -6.04
CA VAL A 8 -18.37 13.55 -5.17
C VAL A 8 -19.59 13.61 -4.26
N VAL A 9 -19.35 13.81 -2.96
CA VAL A 9 -20.43 13.88 -1.97
C VAL A 9 -20.60 15.34 -1.58
N VAL A 10 -21.80 15.89 -1.80
CA VAL A 10 -22.07 17.31 -1.55
C VAL A 10 -23.34 17.47 -0.71
N GLY A 11 -23.48 18.63 -0.10
CA GLY A 11 -24.62 18.92 0.75
C GLY A 11 -24.23 19.83 1.89
N ALA A 12 -25.25 20.30 2.59
CA ALA A 12 -25.07 21.28 3.66
C ALA A 12 -24.21 20.73 4.79
N GLY A 13 -23.65 21.66 5.58
CA GLY A 13 -22.80 21.24 6.69
C GLY A 13 -23.57 20.43 7.71
N GLY A 14 -22.96 19.34 8.16
CA GLY A 14 -23.50 18.53 9.23
C GLY A 14 -24.52 17.49 8.83
N VAL A 15 -24.77 17.30 7.54
CA VAL A 15 -25.81 16.33 7.14
C VAL A 15 -25.31 14.91 7.20
N GLY A 16 -24.00 14.69 7.31
CA GLY A 16 -23.44 13.36 7.40
C GLY A 16 -22.68 12.89 6.16
N LYS A 17 -22.15 13.80 5.34
CA LYS A 17 -21.41 13.39 4.16
C LYS A 17 -20.18 12.57 4.55
N SER A 18 -19.43 13.06 5.53
CA SER A 18 -18.24 12.35 5.96
C SER A 18 -18.59 11.05 6.65
N ALA A 19 -19.61 11.06 7.52
CA ALA A 19 -19.99 9.81 8.18
C ALA A 19 -20.44 8.76 7.17
N LEU A 20 -21.21 9.17 6.15
CA LEU A 20 -21.60 8.24 5.09
C LEU A 20 -20.37 7.65 4.40
N THR A 21 -19.42 8.51 4.05
CA THR A 21 -18.25 8.05 3.31
C THR A 21 -17.40 7.11 4.14
N ILE A 22 -17.14 7.46 5.40
CA ILE A 22 -16.32 6.62 6.27
C ILE A 22 -17.02 5.29 6.59
N GLN A 23 -18.35 5.31 6.72
CA GLN A 23 -19.08 4.05 6.85
C GLN A 23 -18.86 3.15 5.64
N LEU A 24 -18.97 3.72 4.44
CA LEU A 24 -18.71 2.95 3.22
C LEU A 24 -17.27 2.42 3.19
N ILE A 25 -16.30 3.26 3.54
CA ILE A 25 -14.89 2.91 3.35
C ILE A 25 -14.40 1.97 4.44
N GLN A 26 -14.76 2.25 5.70
CA GLN A 26 -14.17 1.57 6.85
C GLN A 26 -15.17 0.77 7.69
N ASN A 27 -16.46 0.81 7.38
CA ASN A 27 -17.50 0.13 8.18
C ASN A 27 -17.52 0.66 9.62
N HIS A 28 -17.27 1.95 9.78
CA HIS A 28 -17.17 2.59 11.09
C HIS A 28 -18.02 3.85 11.08
N PHE A 29 -18.78 4.09 12.16
CA PHE A 29 -19.57 5.30 12.29
C PHE A 29 -18.83 6.34 13.12
N VAL A 30 -18.64 7.53 12.55
CA VAL A 30 -17.95 8.63 13.21
C VAL A 30 -18.96 9.46 14.00
N ASP A 31 -18.77 9.52 15.32
CA ASP A 31 -19.66 10.29 16.18
C ASP A 31 -19.31 11.78 16.20
N GLU A 32 -18.02 12.10 16.04
CA GLU A 32 -17.61 13.49 16.08
C GLU A 32 -18.09 14.22 14.83
N TYR A 33 -18.23 15.53 14.98
CA TYR A 33 -18.59 16.45 13.91
C TYR A 33 -17.36 17.34 13.71
N ASP A 34 -16.45 16.88 12.84
CA ASP A 34 -15.26 17.61 12.44
C ASP A 34 -15.49 18.14 11.03
N PRO A 35 -15.77 19.43 10.87
CA PRO A 35 -16.11 19.94 9.53
C PRO A 35 -14.99 19.73 8.52
N THR A 36 -15.38 19.19 7.37
CA THR A 36 -14.44 18.83 6.32
C THR A 36 -14.03 20.08 5.53
N ILE A 37 -12.80 20.06 5.04
CA ILE A 37 -12.36 21.04 4.05
C ILE A 37 -12.41 20.35 2.69
N GLU A 38 -11.59 19.32 2.52
CA GLU A 38 -11.76 18.39 1.41
C GLU A 38 -10.94 17.13 1.68
N ASP A 39 -11.60 15.98 1.62
CA ASP A 39 -10.97 14.69 1.84
C ASP A 39 -11.23 13.80 0.63
N SER A 40 -10.34 12.83 0.44
N SER A 40 -10.35 12.83 0.41
CA SER A 40 -10.42 11.88 -0.65
CA SER A 40 -10.56 11.90 -0.70
C SER A 40 -10.35 10.47 -0.09
C SER A 40 -10.22 10.49 -0.29
N TYR A 41 -11.02 9.53 -0.78
CA TYR A 41 -10.94 8.13 -0.42
C TYR A 41 -10.96 7.28 -1.68
N ARG A 42 -10.43 6.06 -1.59
CA ARG A 42 -10.51 5.11 -2.69
C ARG A 42 -11.05 3.78 -2.19
N LYS A 43 -11.81 3.11 -3.04
CA LYS A 43 -12.40 1.82 -2.68
C LYS A 43 -12.49 0.94 -3.92
N GLN A 44 -11.83 -0.21 -3.88
CA GLN A 44 -12.04 -1.25 -4.88
C GLN A 44 -13.24 -2.10 -4.48
N VAL A 45 -14.18 -2.29 -5.40
CA VAL A 45 -15.41 -3.01 -5.07
C VAL A 45 -16.00 -3.57 -6.35
N VAL A 46 -16.59 -4.77 -6.23
CA VAL A 46 -17.29 -5.40 -7.36
C VAL A 46 -18.76 -4.97 -7.31
N ILE A 47 -19.23 -4.33 -8.38
CA ILE A 47 -20.61 -3.87 -8.50
C ILE A 47 -21.20 -4.47 -9.76
N ASP A 48 -22.30 -5.21 -9.61
CA ASP A 48 -22.94 -5.89 -10.73
C ASP A 48 -21.94 -6.73 -11.51
N GLY A 49 -21.09 -7.45 -10.78
CA GLY A 49 -20.12 -8.36 -11.37
C GLY A 49 -18.89 -7.73 -11.96
N GLU A 50 -18.78 -6.39 -11.93
CA GLU A 50 -17.65 -5.71 -12.54
C GLU A 50 -16.84 -5.03 -11.44
N THR A 51 -15.53 -5.25 -11.46
CA THR A 51 -14.68 -4.62 -10.46
C THR A 51 -14.45 -3.17 -10.83
N CSO A 52 -14.64 -2.27 -9.89
CA CSO A 52 -14.13 -0.94 -10.14
CB CSO A 52 -15.20 -0.01 -10.62
SG CSO A 52 -16.52 -0.11 -9.45
C CSO A 52 -13.47 -0.29 -8.97
O CSO A 52 -13.44 -0.82 -7.86
OD CSO A 52 -17.65 -1.00 -10.44
N LEU A 53 -12.94 0.89 -9.27
CA LEU A 53 -12.21 1.66 -8.32
C LEU A 53 -12.95 2.96 -8.12
N LEU A 54 -13.51 3.16 -6.94
CA LEU A 54 -14.21 4.40 -6.65
C LEU A 54 -13.23 5.41 -6.05
N ASP A 55 -13.17 6.60 -6.64
CA ASP A 55 -12.50 7.74 -6.01
C ASP A 55 -13.61 8.61 -5.45
N ILE A 56 -13.62 8.83 -4.14
CA ILE A 56 -14.73 9.53 -3.49
C ILE A 56 -14.18 10.81 -2.91
N LEU A 57 -14.72 11.94 -3.38
CA LEU A 57 -14.36 13.24 -2.85
C LEU A 57 -15.41 13.66 -1.83
N ASP A 58 -14.98 13.94 -0.60
CA ASP A 58 -15.83 14.34 0.50
C ASP A 58 -15.63 15.85 0.68
N THR A 59 -16.68 16.64 0.48
CA THR A 59 -16.53 18.08 0.34
C THR A 59 -17.02 18.84 1.58
N ALA A 60 -16.76 20.14 1.56
CA ALA A 60 -17.10 21.01 2.68
C ALA A 60 -18.54 21.49 2.55
N GLY A 61 -19.32 21.30 3.61
CA GLY A 61 -20.66 21.83 3.64
C GLY A 61 -20.77 23.20 4.30
N GLN A 62 -19.79 23.59 5.11
CA GLN A 62 -19.89 24.89 5.79
C GLN A 62 -19.91 26.02 4.77
N GLU A 63 -20.74 27.03 5.04
CA GLU A 63 -20.93 28.10 4.07
C GLU A 63 -19.65 28.89 3.81
N GLU A 64 -18.72 28.91 4.78
CA GLU A 64 -17.47 29.64 4.59
C GLU A 64 -16.64 29.08 3.43
N ALA A 65 -16.91 27.85 2.99
CA ALA A 65 -16.20 27.26 1.86
C ALA A 65 -16.98 27.34 0.56
N SER A 66 -18.08 28.10 0.52
CA SER A 66 -19.02 28.01 -0.59
C SER A 66 -18.47 28.58 -1.90
N ALA A 67 -17.38 29.35 -1.86
CA ALA A 67 -16.80 29.91 -3.08
C ALA A 67 -15.74 29.01 -3.70
N MET A 68 -15.56 27.79 -3.18
CA MET A 68 -14.47 26.92 -3.60
C MET A 68 -14.97 25.62 -4.25
N ARG A 69 -16.18 25.64 -4.81
CA ARG A 69 -16.82 24.41 -5.27
C ARG A 69 -16.58 24.10 -6.74
N ASP A 70 -16.48 25.12 -7.61
CA ASP A 70 -16.33 24.85 -9.04
C ASP A 70 -15.23 23.83 -9.29
N GLN A 71 -14.11 23.94 -8.56
CA GLN A 71 -12.94 23.12 -8.86
C GLN A 71 -13.22 21.63 -8.64
N TYR A 72 -14.00 21.27 -7.63
CA TYR A 72 -14.28 19.84 -7.48
C TYR A 72 -15.45 19.39 -8.35
N MET A 73 -16.37 20.30 -8.69
CA MET A 73 -17.48 19.90 -9.55
C MET A 73 -17.01 19.63 -10.97
N ARG A 74 -15.95 20.32 -11.41
CA ARG A 74 -15.39 20.03 -12.73
C ARG A 74 -14.87 18.61 -12.82
N THR A 75 -14.24 18.12 -11.74
CA THR A 75 -13.59 16.81 -11.81
C THR A 75 -14.58 15.66 -11.64
N GLY A 76 -15.70 15.87 -10.95
CA GLY A 76 -16.55 14.76 -10.57
C GLY A 76 -17.36 14.21 -11.73
N GLU A 77 -17.53 12.89 -11.74
N GLU A 77 -17.56 12.89 -11.72
CA GLU A 77 -18.40 12.26 -12.72
CA GLU A 77 -18.39 12.23 -12.72
C GLU A 77 -19.84 12.16 -12.22
C GLU A 77 -19.80 11.93 -12.25
N GLY A 78 -20.02 11.89 -10.94
CA GLY A 78 -21.35 11.73 -10.37
C GLY A 78 -21.37 12.30 -8.98
N PHE A 79 -22.57 12.72 -8.54
CA PHE A 79 -22.68 13.45 -7.29
C PHE A 79 -23.74 12.83 -6.39
N LEU A 80 -23.35 12.53 -5.15
N LEU A 80 -23.39 12.67 -5.12
CA LEU A 80 -24.34 12.25 -4.12
CA LEU A 80 -24.31 12.25 -4.08
C LEU A 80 -24.75 13.59 -3.52
C LEU A 80 -24.79 13.50 -3.35
N CYS A 81 -26.04 13.91 -3.61
CA CYS A 81 -26.58 15.15 -3.05
C CYS A 81 -27.29 14.82 -1.74
N VAL A 82 -26.66 15.18 -0.63
CA VAL A 82 -27.05 14.67 0.68
C VAL A 82 -27.73 15.78 1.48
N PHE A 83 -28.88 15.45 2.09
CA PHE A 83 -29.47 16.29 3.11
C PHE A 83 -29.80 15.38 4.29
N ALA A 84 -30.18 15.97 5.42
CA ALA A 84 -30.56 15.19 6.60
C ALA A 84 -32.06 15.30 6.79
N ILE A 85 -32.72 14.17 7.06
CA ILE A 85 -34.18 14.16 7.10
C ILE A 85 -34.74 14.85 8.33
N ASN A 86 -33.88 15.25 9.27
CA ASN A 86 -34.32 16.05 10.41
C ASN A 86 -33.85 17.51 10.31
N ASN A 87 -33.49 17.98 9.12
N ASN A 87 -33.56 17.98 9.10
CA ASN A 87 -33.02 19.35 8.95
CA ASN A 87 -33.01 19.32 8.87
C ASN A 87 -33.62 19.89 7.65
C ASN A 87 -33.63 19.85 7.57
N THR A 88 -34.70 20.67 7.77
N THR A 88 -34.72 20.62 7.69
CA THR A 88 -35.41 21.15 6.59
CA THR A 88 -35.39 21.11 6.51
C THR A 88 -34.54 22.09 5.76
C THR A 88 -34.54 22.11 5.73
N LYS A 89 -33.71 22.89 6.43
CA LYS A 89 -32.84 23.82 5.68
C LYS A 89 -31.88 23.08 4.77
N SER A 90 -31.35 21.93 5.23
CA SER A 90 -30.44 21.16 4.38
C SER A 90 -31.16 20.62 3.14
N PHE A 91 -32.44 20.30 3.27
CA PHE A 91 -33.20 19.89 2.09
C PHE A 91 -33.41 21.07 1.13
N GLU A 92 -33.69 22.26 1.68
CA GLU A 92 -33.82 23.44 0.82
C GLU A 92 -32.49 23.81 0.16
N ASP A 93 -31.36 23.47 0.76
CA ASP A 93 -30.06 23.73 0.16
C ASP A 93 -29.76 22.82 -1.03
N ILE A 94 -30.51 21.72 -1.20
CA ILE A 94 -30.19 20.76 -2.26
C ILE A 94 -30.24 21.43 -3.62
N HIS A 95 -31.25 22.27 -3.87
CA HIS A 95 -31.42 22.79 -5.22
C HIS A 95 -30.25 23.69 -5.62
N GLN A 96 -29.66 24.41 -4.66
N GLN A 96 -29.64 24.37 -4.65
CA GLN A 96 -28.47 25.20 -4.97
CA GLN A 96 -28.47 25.20 -4.95
C GLN A 96 -27.33 24.32 -5.48
C GLN A 96 -27.30 24.36 -5.42
N TYR A 97 -27.09 23.18 -4.81
CA TYR A 97 -26.03 22.29 -5.26
C TYR A 97 -26.35 21.73 -6.65
N ARG A 98 -27.61 21.30 -6.84
CA ARG A 98 -28.02 20.78 -8.14
C ARG A 98 -27.78 21.79 -9.25
N GLU A 99 -28.15 23.06 -9.00
CA GLU A 99 -28.03 24.06 -10.06
C GLU A 99 -26.58 24.41 -10.31
N GLN A 100 -25.75 24.46 -9.26
CA GLN A 100 -24.34 24.76 -9.47
C GLN A 100 -23.65 23.65 -10.23
N ILE A 101 -23.96 22.38 -9.92
CA ILE A 101 -23.34 21.27 -10.66
C ILE A 101 -23.69 21.37 -12.13
N LYS A 102 -24.97 21.63 -12.43
CA LYS A 102 -25.40 21.75 -13.82
C LYS A 102 -24.68 22.89 -14.54
N ARG A 103 -24.50 24.02 -13.86
N ARG A 103 -24.49 24.02 -13.85
CA ARG A 103 -23.81 25.14 -14.49
CA ARG A 103 -23.81 25.16 -14.46
C ARG A 103 -22.36 24.78 -14.78
C ARG A 103 -22.36 24.84 -14.75
N VAL A 104 -21.65 24.27 -13.77
CA VAL A 104 -20.22 24.00 -13.92
C VAL A 104 -19.97 22.96 -14.99
N LYS A 105 -20.75 21.89 -14.99
CA LYS A 105 -20.53 20.85 -15.99
C LYS A 105 -21.25 21.15 -17.29
N ASP A 106 -21.95 22.27 -17.37
CA ASP A 106 -22.66 22.70 -18.57
C ASP A 106 -23.49 21.56 -19.14
N SER A 107 -24.33 20.98 -18.29
CA SER A 107 -25.05 19.77 -18.66
C SER A 107 -26.30 19.64 -17.82
N ASP A 108 -27.39 19.25 -18.46
CA ASP A 108 -28.66 18.95 -17.81
C ASP A 108 -28.75 17.50 -17.38
N ASP A 109 -27.72 16.70 -17.65
CA ASP A 109 -27.79 15.25 -17.55
C ASP A 109 -26.59 14.70 -16.76
N VAL A 110 -26.34 15.25 -15.58
CA VAL A 110 -25.22 14.80 -14.74
C VAL A 110 -25.68 13.66 -13.84
N PRO A 111 -24.92 12.56 -13.74
CA PRO A 111 -25.31 11.48 -12.81
C PRO A 111 -25.37 11.98 -11.38
N MET A 112 -26.52 11.75 -10.72
N MET A 112 -26.51 11.75 -10.72
CA MET A 112 -26.75 12.21 -9.36
CA MET A 112 -26.71 12.20 -9.36
C MET A 112 -27.67 11.24 -8.64
C MET A 112 -27.65 11.24 -8.65
N VAL A 113 -27.54 11.19 -7.33
CA VAL A 113 -28.49 10.48 -6.46
C VAL A 113 -28.83 11.44 -5.32
N LEU A 114 -30.12 11.55 -5.00
CA LEU A 114 -30.57 12.33 -3.85
C LEU A 114 -30.56 11.44 -2.62
N VAL A 115 -29.90 11.89 -1.55
CA VAL A 115 -29.72 11.06 -0.36
C VAL A 115 -30.31 11.79 0.84
N GLY A 116 -31.28 11.15 1.49
CA GLY A 116 -31.80 11.63 2.76
C GLY A 116 -31.20 10.85 3.91
N ASN A 117 -30.25 11.46 4.61
CA ASN A 117 -29.45 10.77 5.63
C ASN A 117 -30.05 10.97 7.03
N LYS A 118 -29.51 10.20 7.97
CA LYS A 118 -29.95 10.16 9.38
C LYS A 118 -31.33 9.53 9.52
N CYS A 119 -31.62 8.52 8.68
CA CYS A 119 -32.95 7.92 8.74
C CYS A 119 -33.13 7.01 9.96
N ASP A 120 -32.07 6.82 10.77
CA ASP A 120 -32.20 6.16 12.06
C ASP A 120 -32.91 7.00 13.11
N LEU A 121 -33.03 8.31 12.87
CA LEU A 121 -33.63 9.21 13.86
C LEU A 121 -35.14 9.25 13.67
N ALA A 122 -35.87 9.17 14.78
CA ALA A 122 -37.33 9.14 14.69
C ALA A 122 -37.91 10.50 14.31
N ALA A 123 -37.28 11.59 14.78
CA ALA A 123 -37.86 12.93 14.66
C ALA A 123 -37.55 13.54 13.29
N ARG A 124 -38.25 13.00 12.28
CA ARG A 124 -38.11 13.45 10.91
C ARG A 124 -38.86 14.78 10.68
N THR A 125 -38.25 15.69 9.91
CA THR A 125 -38.93 16.91 9.51
C THR A 125 -39.10 17.07 8.00
N VAL A 126 -38.40 16.27 7.19
CA VAL A 126 -38.59 16.22 5.75
C VAL A 126 -39.25 14.89 5.41
N GLU A 127 -40.45 14.94 4.84
CA GLU A 127 -41.16 13.70 4.51
C GLU A 127 -40.58 13.07 3.25
N SER A 128 -40.59 11.72 3.22
CA SER A 128 -40.06 11.00 2.07
C SER A 128 -40.72 11.45 0.77
N ARG A 129 -42.03 11.67 0.81
CA ARG A 129 -42.75 12.09 -0.39
C ARG A 129 -42.21 13.39 -0.96
N GLN A 130 -41.92 14.37 -0.09
CA GLN A 130 -41.40 15.64 -0.57
C GLN A 130 -40.05 15.46 -1.25
N ALA A 131 -39.17 14.66 -0.66
CA ALA A 131 -37.88 14.39 -1.30
C ALA A 131 -38.05 13.59 -2.57
N GLN A 132 -38.95 12.61 -2.57
CA GLN A 132 -39.15 11.81 -3.78
C GLN A 132 -39.68 12.66 -4.93
N ASP A 133 -40.60 13.58 -4.64
CA ASP A 133 -41.08 14.51 -5.68
C ASP A 133 -39.93 15.29 -6.29
N LEU A 134 -39.02 15.79 -5.46
CA LEU A 134 -37.88 16.55 -5.96
C LEU A 134 -36.98 15.68 -6.82
N ALA A 135 -36.67 14.46 -6.33
CA ALA A 135 -35.86 13.54 -7.13
C ALA A 135 -36.49 13.28 -8.50
N ARG A 136 -37.80 13.05 -8.54
CA ARG A 136 -38.44 12.80 -9.83
C ARG A 136 -38.29 13.99 -10.76
N SER A 137 -38.40 15.21 -10.22
CA SER A 137 -38.24 16.41 -11.02
C SER A 137 -36.82 16.53 -11.58
N TYR A 138 -35.84 15.91 -10.92
CA TYR A 138 -34.47 15.86 -11.39
C TYR A 138 -34.19 14.64 -12.26
N GLY A 139 -35.10 13.69 -12.33
CA GLY A 139 -34.84 12.46 -13.05
C GLY A 139 -33.89 11.51 -12.34
N ILE A 140 -33.81 11.55 -11.02
CA ILE A 140 -32.80 10.78 -10.29
C ILE A 140 -33.45 9.98 -9.17
N PRO A 141 -32.80 8.92 -8.70
CA PRO A 141 -33.37 8.16 -7.59
C PRO A 141 -33.15 8.86 -6.25
N TYR A 142 -33.99 8.48 -5.29
CA TYR A 142 -33.92 8.98 -3.93
C TYR A 142 -33.69 7.80 -3.00
N ILE A 143 -32.66 7.89 -2.17
CA ILE A 143 -32.31 6.78 -1.28
C ILE A 143 -32.13 7.35 0.13
N GLU A 144 -32.84 6.78 1.10
CA GLU A 144 -32.65 7.20 2.48
C GLU A 144 -31.59 6.31 3.15
N THR A 145 -30.74 6.94 3.95
CA THR A 145 -29.55 6.28 4.48
C THR A 145 -29.41 6.58 5.97
N SER A 146 -28.64 5.72 6.64
CA SER A 146 -28.12 6.02 7.98
C SER A 146 -26.65 5.66 7.99
N ALA A 147 -25.79 6.68 8.13
CA ALA A 147 -24.37 6.39 8.35
C ALA A 147 -24.15 5.64 9.65
N LYS A 148 -25.09 5.73 10.59
CA LYS A 148 -24.93 5.09 11.88
C LYS A 148 -25.19 3.59 11.79
N THR A 149 -26.27 3.18 11.13
CA THR A 149 -26.67 1.77 11.08
C THR A 149 -26.25 1.06 9.81
N ARG A 150 -25.78 1.79 8.80
CA ARG A 150 -25.44 1.34 7.44
C ARG A 150 -26.65 1.23 6.54
N GLN A 151 -27.87 1.43 7.03
CA GLN A 151 -29.04 1.32 6.17
C GLN A 151 -28.86 2.18 4.92
N GLY A 152 -28.99 1.56 3.75
CA GLY A 152 -28.98 2.28 2.48
C GLY A 152 -27.65 2.80 1.99
N VAL A 153 -26.57 2.64 2.76
CA VAL A 153 -25.32 3.31 2.40
C VAL A 153 -24.72 2.74 1.12
N GLU A 154 -24.59 1.41 1.03
CA GLU A 154 -24.10 0.82 -0.21
C GLU A 154 -25.05 1.12 -1.37
N ASP A 155 -26.35 1.06 -1.12
CA ASP A 155 -27.33 1.35 -2.16
C ASP A 155 -27.11 2.74 -2.74
N ALA A 156 -26.87 3.74 -1.88
CA ALA A 156 -26.70 5.11 -2.39
C ALA A 156 -25.47 5.22 -3.27
N PHE A 157 -24.32 4.76 -2.78
CA PHE A 157 -23.09 4.91 -3.55
C PHE A 157 -23.10 4.05 -4.80
N TYR A 158 -23.59 2.81 -4.69
CA TYR A 158 -23.51 1.94 -5.85
C TYR A 158 -24.57 2.27 -6.89
N THR A 159 -25.71 2.84 -6.46
CA THR A 159 -26.65 3.38 -7.44
C THR A 159 -26.01 4.50 -8.26
N LEU A 160 -25.23 5.38 -7.59
CA LEU A 160 -24.55 6.44 -8.32
C LEU A 160 -23.56 5.87 -9.34
N VAL A 161 -22.84 4.82 -8.96
CA VAL A 161 -21.94 4.16 -9.91
C VAL A 161 -22.71 3.66 -11.13
N ARG A 162 -23.85 3.02 -10.90
CA ARG A 162 -24.65 2.53 -12.02
C ARG A 162 -25.10 3.67 -12.92
N GLU A 163 -25.33 4.86 -12.37
N GLU A 163 -25.41 4.83 -12.34
CA GLU A 163 -25.77 5.96 -13.21
CA GLU A 163 -25.77 6.00 -13.13
C GLU A 163 -24.63 6.58 -13.99
C GLU A 163 -24.62 6.42 -14.03
N ILE A 164 -23.41 6.54 -13.46
CA ILE A 164 -22.25 6.93 -14.28
C ILE A 164 -22.03 5.89 -15.36
N ARG A 165 -22.15 4.61 -15.01
CA ARG A 165 -21.92 3.55 -15.98
C ARG A 165 -22.89 3.62 -17.15
N GLN A 166 -24.14 4.01 -16.90
CA GLN A 166 -25.15 4.02 -17.95
C GLN A 166 -25.26 5.37 -18.64
N HIS A 167 -24.47 6.36 -18.21
CA HIS A 167 -24.49 7.69 -18.78
C HIS A 167 -23.94 7.73 -20.21
N GLY B 1 -9.49 40.46 -15.56
CA GLY B 1 -8.10 40.03 -15.50
C GLY B 1 -7.81 39.20 -14.27
N GLN B 2 -6.62 38.63 -14.21
CA GLN B 2 -6.23 37.89 -13.03
C GLN B 2 -6.06 38.84 -11.85
N MET B 3 -6.22 38.30 -10.64
CA MET B 3 -5.93 39.09 -9.46
C MET B 3 -4.46 39.45 -9.45
N ARG B 4 -4.16 40.65 -8.97
CA ARG B 4 -2.78 40.95 -8.68
C ARG B 4 -2.36 40.25 -7.38
N LEU B 5 -1.06 40.09 -7.21
CA LEU B 5 -0.49 39.34 -6.11
C LEU B 5 0.39 40.25 -5.26
N PRO B 6 0.67 39.87 -4.02
CA PRO B 6 1.67 40.60 -3.25
C PRO B 6 3.00 40.56 -3.98
N SER B 7 3.83 41.56 -3.69
CA SER B 7 5.20 41.56 -4.20
C SER B 7 5.94 40.31 -3.71
N ALA B 8 6.67 39.67 -4.63
CA ALA B 8 7.44 38.50 -4.26
C ALA B 8 8.51 38.81 -3.22
N ASP B 9 8.82 40.09 -3.01
CA ASP B 9 9.79 40.49 -2.00
C ASP B 9 9.23 40.39 -0.59
N VAL B 10 7.92 40.59 -0.41
CA VAL B 10 7.30 40.44 0.91
C VAL B 10 6.58 39.11 1.07
N TYR B 11 6.31 38.39 -0.01
CA TYR B 11 5.58 37.12 0.07
C TYR B 11 6.18 36.18 -0.97
N ARG B 12 6.96 35.20 -0.50
CA ARG B 12 7.79 34.41 -1.40
C ARG B 12 6.98 33.57 -2.36
N PHE B 13 5.72 33.27 -2.04
CA PHE B 13 4.93 32.35 -2.83
C PHE B 13 4.24 33.03 -4.02
N ALA B 14 4.61 34.27 -4.33
CA ALA B 14 4.08 34.98 -5.49
C ALA B 14 5.07 35.06 -6.64
N GLU B 15 6.24 34.42 -6.49
CA GLU B 15 7.19 34.38 -7.59
C GLU B 15 6.55 33.69 -8.79
N PRO B 16 6.75 34.20 -10.01
CA PRO B 16 6.17 33.54 -11.18
C PRO B 16 6.75 32.15 -11.40
N ASP B 17 5.91 31.25 -11.91
CA ASP B 17 6.39 29.94 -12.35
C ASP B 17 7.41 30.10 -13.46
N SER B 18 8.46 29.32 -13.39
CA SER B 18 9.43 29.24 -14.48
C SER B 18 10.05 27.86 -14.43
N GLU B 19 10.74 27.48 -15.51
CA GLU B 19 11.45 26.21 -15.49
C GLU B 19 12.62 26.19 -14.52
N GLU B 20 13.00 27.34 -13.96
CA GLU B 20 13.99 27.36 -12.90
C GLU B 20 13.41 27.01 -11.54
N ASN B 21 12.08 26.94 -11.40
CA ASN B 21 11.51 26.59 -10.10
C ASN B 21 10.38 25.57 -10.13
N ILE B 22 9.84 25.21 -11.28
CA ILE B 22 8.79 24.17 -11.34
C ILE B 22 8.75 23.60 -12.75
N ILE B 23 8.59 22.29 -12.84
CA ILE B 23 8.48 21.57 -14.10
C ILE B 23 7.26 20.67 -14.02
N PHE B 24 6.39 20.76 -15.01
CA PHE B 24 5.18 19.96 -15.03
C PHE B 24 5.34 18.75 -15.95
N GLU B 25 4.62 17.68 -15.63
CA GLU B 25 4.53 16.57 -16.57
C GLU B 25 3.70 16.98 -17.80
N GLU B 26 3.92 16.27 -18.90
CA GLU B 26 3.08 16.41 -20.08
C GLU B 26 1.76 15.67 -19.86
N GLY B 33 -8.47 18.26 -14.72
CA GLY B 33 -7.49 18.78 -15.64
C GLY B 33 -6.42 19.61 -14.96
N ILE B 34 -6.10 19.26 -13.72
CA ILE B 34 -5.11 20.01 -12.96
C ILE B 34 -3.71 19.55 -13.34
N PRO B 35 -2.72 20.42 -13.31
CA PRO B 35 -1.36 20.02 -13.71
C PRO B 35 -0.77 19.02 -12.72
N ILE B 36 0.16 18.22 -13.24
CA ILE B 36 0.90 17.24 -12.45
C ILE B 36 2.35 17.69 -12.41
N ILE B 37 2.91 17.77 -11.21
CA ILE B 37 4.23 18.35 -11.01
C ILE B 37 5.28 17.25 -11.14
N LYS B 38 6.25 17.48 -12.01
CA LYS B 38 7.42 16.61 -12.13
C LYS B 38 8.49 16.98 -11.11
N ALA B 39 8.78 18.28 -10.96
CA ALA B 39 9.86 18.72 -10.09
C ALA B 39 9.63 20.18 -9.73
N GLY B 40 10.21 20.59 -8.61
CA GLY B 40 10.11 22.00 -8.25
C GLY B 40 10.90 22.29 -6.99
N THR B 41 11.05 23.59 -6.72
CA THR B 41 11.60 23.98 -5.43
C THR B 41 10.59 23.67 -4.34
N VAL B 42 11.06 23.62 -3.09
CA VAL B 42 10.14 23.36 -1.99
C VAL B 42 9.08 24.45 -1.90
N ILE B 43 9.48 25.71 -2.16
CA ILE B 43 8.52 26.82 -2.16
C ILE B 43 7.41 26.61 -3.18
N LYS B 44 7.78 26.15 -4.38
CA LYS B 44 6.75 25.93 -5.40
C LYS B 44 5.88 24.73 -5.07
N LEU B 45 6.47 23.68 -4.47
CA LEU B 45 5.65 22.54 -4.07
C LEU B 45 4.62 22.96 -3.04
N ILE B 46 5.02 23.79 -2.08
CA ILE B 46 4.09 24.20 -1.04
C ILE B 46 3.03 25.15 -1.60
N GLU B 47 3.42 26.02 -2.54
CA GLU B 47 2.44 26.86 -3.22
C GLU B 47 1.36 26.00 -3.89
N ARG B 48 1.78 24.97 -4.63
CA ARG B 48 0.82 24.15 -5.35
C ARG B 48 0.06 23.23 -4.42
N LEU B 49 0.66 22.88 -3.29
CA LEU B 49 -0.01 22.10 -2.25
C LEU B 49 -1.21 22.85 -1.67
N THR B 50 -1.19 24.16 -1.74
CA THR B 50 -2.19 25.02 -1.11
C THR B 50 -2.67 26.05 -2.11
N TYR B 51 -2.92 25.61 -3.34
CA TYR B 51 -3.12 26.52 -4.46
C TYR B 51 -4.49 27.18 -4.42
N HIS B 52 -4.55 28.45 -4.84
CA HIS B 52 -5.82 29.17 -4.70
C HIS B 52 -6.86 28.72 -5.73
N MET B 53 -6.45 28.12 -6.85
CA MET B 53 -7.40 27.83 -7.92
C MET B 53 -8.08 26.48 -7.78
N TYR B 54 -7.46 25.53 -7.08
CA TYR B 54 -8.04 24.20 -6.98
C TYR B 54 -7.46 23.49 -5.77
N ALA B 55 -8.21 22.51 -5.28
CA ALA B 55 -7.72 21.59 -4.28
C ALA B 55 -7.15 20.34 -4.94
N ASP B 56 -6.24 19.68 -4.25
CA ASP B 56 -5.55 18.51 -4.79
C ASP B 56 -5.32 17.53 -3.65
N PRO B 57 -6.39 16.85 -3.21
CA PRO B 57 -6.26 16.01 -2.02
C PRO B 57 -5.28 14.87 -2.21
N ASN B 58 -5.11 14.36 -3.43
N ASN B 58 -5.19 14.32 -3.42
CA ASN B 58 -4.12 13.30 -3.62
CA ASN B 58 -4.15 13.34 -3.70
C ASN B 58 -2.70 13.86 -3.57
C ASN B 58 -2.78 13.93 -3.40
N PHE B 59 -2.52 15.14 -3.90
CA PHE B 59 -1.23 15.78 -3.71
C PHE B 59 -0.95 15.98 -2.23
N VAL B 60 -1.97 16.34 -1.46
CA VAL B 60 -1.77 16.50 -0.01
C VAL B 60 -1.31 15.20 0.60
N ARG B 61 -1.95 14.09 0.25
CA ARG B 61 -1.52 12.80 0.79
C ARG B 61 -0.12 12.44 0.32
N THR B 62 0.14 12.60 -0.99
N THR B 62 0.17 12.63 -0.97
CA THR B 62 1.46 12.29 -1.52
CA THR B 62 1.49 12.23 -1.45
C THR B 62 2.53 13.09 -0.80
C THR B 62 2.60 13.11 -0.89
N PHE B 63 2.32 14.40 -0.69
CA PHE B 63 3.29 15.28 -0.07
C PHE B 63 3.50 14.91 1.40
N LEU B 64 2.42 14.78 2.17
CA LEU B 64 2.60 14.50 3.60
C LEU B 64 3.19 13.12 3.85
N THR B 65 3.00 12.19 2.90
CA THR B 65 3.60 10.86 3.06
C THR B 65 5.10 10.89 2.81
N THR B 66 5.57 11.73 1.88
CA THR B 66 6.93 11.60 1.35
C THR B 66 7.84 12.78 1.61
N TYR B 67 7.37 13.87 2.21
CA TYR B 67 8.15 15.12 2.19
C TYR B 67 9.44 15.03 3.01
N ARG B 68 9.55 14.10 3.94
CA ARG B 68 10.71 14.14 4.83
C ARG B 68 12.00 13.81 4.11
N SER B 69 11.93 13.26 2.89
CA SER B 69 13.11 13.03 2.08
C SER B 69 13.67 14.33 1.50
N PHE B 70 12.93 15.45 1.57
CA PHE B 70 13.46 16.70 1.06
C PHE B 70 13.23 17.92 1.95
N CYS B 71 12.50 17.77 3.07
CA CYS B 71 12.21 18.90 3.95
C CYS B 71 11.98 18.36 5.36
N LYS B 72 12.59 18.99 6.35
CA LYS B 72 12.39 18.54 7.72
C LYS B 72 11.00 18.95 8.22
N PRO B 73 10.40 18.16 9.14
CA PRO B 73 9.09 18.56 9.70
C PRO B 73 9.07 19.98 10.26
N GLN B 74 10.10 20.37 11.02
CA GLN B 74 10.10 21.73 11.56
C GLN B 74 10.11 22.77 10.45
N GLU B 75 10.83 22.49 9.36
CA GLU B 75 10.89 23.45 8.26
C GLU B 75 9.58 23.49 7.49
N LEU B 76 8.94 22.33 7.31
CA LEU B 76 7.63 22.33 6.66
C LEU B 76 6.64 23.22 7.41
N LEU B 77 6.61 23.10 8.74
CA LEU B 77 5.65 23.92 9.50
C LEU B 77 5.97 25.41 9.34
N SER B 78 7.25 25.78 9.41
CA SER B 78 7.61 27.17 9.18
C SER B 78 7.11 27.65 7.82
N LEU B 79 7.26 26.82 6.79
CA LEU B 79 6.88 27.23 5.44
C LEU B 79 5.37 27.34 5.30
N ILE B 80 4.60 26.45 5.93
CA ILE B 80 3.16 26.61 5.73
C ILE B 80 2.62 27.75 6.58
N ILE B 81 3.25 28.07 7.71
CA ILE B 81 2.87 29.28 8.43
C ILE B 81 3.18 30.51 7.58
N GLU B 82 4.35 30.52 6.94
CA GLU B 82 4.69 31.62 6.03
C GLU B 82 3.66 31.72 4.90
N ARG B 83 3.25 30.57 4.35
CA ARG B 83 2.24 30.56 3.29
C ARG B 83 0.93 31.18 3.77
N PHE B 84 0.56 30.91 5.02
CA PHE B 84 -0.72 31.34 5.58
C PHE B 84 -0.79 32.85 5.73
N GLU B 85 0.35 33.50 5.97
CA GLU B 85 0.38 34.91 6.37
C GLU B 85 0.47 35.78 5.12
N ILE B 86 -0.67 35.97 4.48
CA ILE B 86 -0.76 36.64 3.17
C ILE B 86 -1.08 38.11 3.39
N PRO B 87 -0.31 39.02 2.83
CA PRO B 87 -0.62 40.45 2.99
C PRO B 87 -1.81 40.85 2.13
N GLU B 88 -2.64 41.78 2.67
CA GLU B 88 -3.76 42.29 1.88
C GLU B 88 -3.32 43.48 1.04
N PRO B 89 -3.92 43.68 -0.12
CA PRO B 89 -3.52 44.81 -0.98
C PRO B 89 -3.97 46.14 -0.41
N GLU B 90 -3.28 47.20 -0.82
CA GLU B 90 -3.63 48.56 -0.42
C GLU B 90 -4.87 49.06 -1.18
N PRO B 91 -5.56 50.07 -0.66
CA PRO B 91 -6.71 50.62 -1.39
C PRO B 91 -6.31 51.09 -2.78
N THR B 92 -7.22 50.91 -3.74
CA THR B 92 -7.01 51.34 -5.10
C THR B 92 -7.37 52.81 -5.28
N GLU B 93 -7.13 53.32 -6.50
CA GLU B 93 -7.42 54.72 -6.78
C GLU B 93 -8.89 55.05 -6.56
N ALA B 94 -9.79 54.18 -7.01
CA ALA B 94 -11.22 54.42 -6.78
C ALA B 94 -11.55 54.45 -5.29
N ASP B 95 -10.94 53.55 -4.51
CA ASP B 95 -11.13 53.57 -3.06
C ASP B 95 -10.63 54.87 -2.46
N ARG B 96 -9.45 55.32 -2.88
N ARG B 96 -9.43 55.30 -2.89
CA ARG B 96 -8.90 56.56 -2.33
CA ARG B 96 -8.84 56.54 -2.41
C ARG B 96 -9.79 57.74 -2.63
C ARG B 96 -9.77 57.72 -2.64
N ILE B 97 -10.33 57.81 -3.85
CA ILE B 97 -11.20 58.94 -4.19
C ILE B 97 -12.47 58.90 -3.35
N ALA B 98 -13.04 57.72 -3.11
CA ALA B 98 -14.20 57.63 -2.24
C ALA B 98 -13.88 58.13 -0.84
N ILE B 99 -12.77 57.66 -0.28
CA ILE B 99 -12.40 58.04 1.08
C ILE B 99 -12.16 59.54 1.18
N GLU B 100 -11.56 60.14 0.15
CA GLU B 100 -11.31 61.58 0.17
C GLU B 100 -12.59 62.40 0.16
N ASN B 101 -13.69 61.82 -0.33
CA ASN B 101 -14.99 62.47 -0.32
C ASN B 101 -15.82 62.07 0.89
N GLY B 102 -15.24 61.39 1.87
CA GLY B 102 -15.95 60.97 3.06
C GLY B 102 -16.92 59.83 2.85
N ASP B 103 -16.82 59.11 1.73
CA ASP B 103 -17.68 57.97 1.45
C ASP B 103 -16.98 56.66 1.78
N GLN B 104 -17.76 55.60 1.87
CA GLN B 104 -17.17 54.29 2.09
C GLN B 104 -16.66 53.74 0.76
N PRO B 105 -15.43 53.22 0.70
CA PRO B 105 -14.95 52.65 -0.55
C PRO B 105 -15.66 51.34 -0.87
N LEU B 106 -15.70 51.03 -2.16
CA LEU B 106 -16.27 49.75 -2.58
C LEU B 106 -15.31 48.61 -2.26
N SER B 107 -14.00 48.88 -2.30
CA SER B 107 -12.97 47.90 -1.99
C SER B 107 -13.14 46.62 -2.81
N ALA B 108 -13.51 46.80 -4.09
CA ALA B 108 -13.84 45.65 -4.91
C ALA B 108 -12.64 44.71 -5.07
N GLU B 109 -11.46 45.26 -5.34
CA GLU B 109 -10.29 44.41 -5.54
C GLU B 109 -9.90 43.70 -4.25
N LEU B 110 -9.96 44.42 -3.12
CA LEU B 110 -9.63 43.81 -1.83
C LEU B 110 -10.58 42.67 -1.50
N LYS B 111 -11.88 42.89 -1.68
CA LYS B 111 -12.85 41.84 -1.39
C LYS B 111 -12.64 40.62 -2.28
N ARG B 112 -12.35 40.85 -3.57
CA ARG B 112 -12.08 39.72 -4.45
C ARG B 112 -10.84 38.98 -4.03
N PHE B 113 -9.77 39.70 -3.68
CA PHE B 113 -8.53 39.01 -3.28
C PHE B 113 -8.74 38.20 -2.00
N ARG B 114 -9.51 38.72 -1.05
CA ARG B 114 -9.83 37.95 0.14
C ARG B 114 -10.62 36.69 -0.20
N LYS B 115 -11.63 36.83 -1.06
CA LYS B 115 -12.54 35.73 -1.36
C LYS B 115 -11.88 34.67 -2.24
N GLU B 116 -11.05 35.10 -3.19
CA GLU B 116 -10.55 34.19 -4.22
C GLU B 116 -9.09 33.81 -4.06
N TYR B 117 -8.32 34.52 -3.22
CA TYR B 117 -6.93 34.13 -2.95
C TYR B 117 -6.72 33.80 -1.48
N ILE B 118 -6.94 34.76 -0.57
CA ILE B 118 -6.56 34.54 0.83
C ILE B 118 -7.37 33.39 1.44
N GLN B 119 -8.70 33.46 1.33
CA GLN B 119 -9.49 32.42 2.01
C GLN B 119 -9.27 31.02 1.44
N PRO B 120 -9.19 30.81 0.13
CA PRO B 120 -8.86 29.44 -0.33
C PRO B 120 -7.47 28.98 0.07
N VAL B 121 -6.45 29.85 -0.02
CA VAL B 121 -5.10 29.44 0.36
C VAL B 121 -5.04 29.11 1.84
N GLN B 122 -5.64 29.99 2.67
CA GLN B 122 -5.60 29.74 4.11
C GLN B 122 -6.34 28.48 4.49
N LEU B 123 -7.52 28.26 3.89
CA LEU B 123 -8.24 27.02 4.16
C LEU B 123 -7.44 25.81 3.73
N ARG B 124 -6.75 25.91 2.60
CA ARG B 124 -5.98 24.75 2.14
C ARG B 124 -4.73 24.55 2.99
N VAL B 125 -4.16 25.62 3.55
CA VAL B 125 -3.11 25.43 4.57
C VAL B 125 -3.68 24.68 5.77
N LEU B 126 -4.87 25.08 6.24
CA LEU B 126 -5.44 24.38 7.37
C LEU B 126 -5.76 22.93 7.01
N ASN B 127 -6.14 22.66 5.76
CA ASN B 127 -6.38 21.27 5.37
C ASN B 127 -5.09 20.46 5.42
N VAL B 128 -3.95 21.06 5.03
CA VAL B 128 -2.67 20.38 5.20
C VAL B 128 -2.43 20.07 6.67
N CYS B 129 -2.66 21.07 7.54
CA CYS B 129 -2.48 20.84 8.98
C CYS B 129 -3.40 19.72 9.47
N ARG B 130 -4.65 19.74 9.03
CA ARG B 130 -5.62 18.74 9.48
C ARG B 130 -5.18 17.35 9.05
N HIS B 131 -4.78 17.19 7.79
CA HIS B 131 -4.32 15.89 7.30
C HIS B 131 -3.04 15.47 8.00
N TRP B 132 -2.17 16.44 8.27
CA TRP B 132 -0.90 16.14 8.95
C TRP B 132 -1.15 15.54 10.31
N VAL B 133 -2.03 16.18 11.09
CA VAL B 133 -2.33 15.71 12.44
C VAL B 133 -3.12 14.41 12.41
N GLU B 134 -4.06 14.27 11.47
CA GLU B 134 -4.94 13.10 11.52
C GLU B 134 -4.26 11.84 11.00
N HIS B 135 -3.43 11.97 9.96
CA HIS B 135 -2.92 10.82 9.25
C HIS B 135 -1.41 10.68 9.30
N HIS B 136 -0.69 11.66 9.84
CA HIS B 136 0.77 11.59 9.90
C HIS B 136 1.24 12.10 11.24
N PHE B 137 0.50 11.73 12.30
CA PHE B 137 0.76 12.27 13.63
C PHE B 137 2.11 11.84 14.20
N TYR B 138 2.76 10.84 13.61
CA TYR B 138 4.03 10.38 14.15
C TYR B 138 5.07 11.49 14.19
N ASP B 139 5.02 12.46 13.26
CA ASP B 139 5.94 13.60 13.34
C ASP B 139 5.85 14.28 14.69
N PHE B 140 4.63 14.41 15.21
CA PHE B 140 4.40 15.10 16.47
C PHE B 140 4.66 14.20 17.67
N GLU B 141 4.42 12.89 17.52
CA GLU B 141 4.79 11.96 18.58
C GLU B 141 6.29 11.94 18.81
N ARG B 142 7.07 12.14 17.74
CA ARG B 142 8.52 12.02 17.83
C ARG B 142 9.20 13.34 18.12
N ASP B 143 8.46 14.44 18.07
CA ASP B 143 9.04 15.77 18.29
C ASP B 143 7.99 16.60 19.03
N ALA B 144 8.07 16.59 20.37
CA ALA B 144 7.08 17.30 21.17
C ALA B 144 7.09 18.80 20.89
N TYR B 145 8.24 19.35 20.52
CA TYR B 145 8.30 20.78 20.25
C TYR B 145 7.56 21.11 18.96
N LEU B 146 7.62 20.23 17.96
CA LEU B 146 6.83 20.43 16.74
C LEU B 146 5.35 20.50 17.07
N LEU B 147 4.89 19.62 17.97
CA LEU B 147 3.50 19.64 18.36
C LEU B 147 3.13 20.95 19.05
N GLN B 148 3.99 21.43 19.94
CA GLN B 148 3.75 22.73 20.57
C GLN B 148 3.60 23.82 19.53
N ARG B 149 4.48 23.85 18.51
CA ARG B 149 4.39 24.88 17.49
C ARG B 149 3.09 24.79 16.70
N MET B 150 2.66 23.57 16.39
CA MET B 150 1.40 23.41 15.66
C MET B 150 0.22 23.88 16.51
N GLU B 151 0.19 23.46 17.78
CA GLU B 151 -0.89 23.89 18.68
C GLU B 151 -0.95 25.41 18.78
N GLU B 152 0.22 26.06 18.87
N GLU B 152 0.22 26.06 18.90
CA GLU B 152 0.26 27.52 19.02
CA GLU B 152 0.26 27.52 19.02
C GLU B 152 -0.15 28.22 17.73
C GLU B 152 -0.21 28.18 17.74
N PHE B 153 0.24 27.69 16.58
CA PHE B 153 -0.18 28.28 15.31
C PHE B 153 -1.70 28.18 15.16
N ILE B 154 -2.25 26.98 15.29
CA ILE B 154 -3.69 26.80 15.13
C ILE B 154 -4.43 27.63 16.17
N GLY B 155 -3.97 27.58 17.42
CA GLY B 155 -4.66 28.25 18.50
C GLY B 155 -4.61 29.76 18.45
N THR B 156 -3.80 30.35 17.56
CA THR B 156 -3.74 31.80 17.44
C THR B 156 -4.23 32.33 16.09
N VAL B 157 -4.85 31.49 15.25
CA VAL B 157 -5.46 31.99 14.03
C VAL B 157 -6.71 32.78 14.39
N ARG B 158 -6.77 34.04 13.94
CA ARG B 158 -7.89 34.93 14.22
C ARG B 158 -8.83 35.02 13.03
N GLY B 159 -9.99 35.60 13.27
CA GLY B 159 -10.85 35.88 12.13
C GLY B 159 -11.91 34.82 11.93
N LYS B 160 -13.12 35.27 11.60
CA LYS B 160 -14.27 34.37 11.65
C LYS B 160 -14.31 33.39 10.48
N ALA B 161 -13.64 33.69 9.36
CA ALA B 161 -13.79 32.81 8.21
C ALA B 161 -13.18 31.43 8.47
N MET B 162 -12.07 31.37 9.20
CA MET B 162 -11.41 30.11 9.50
C MET B 162 -11.85 29.50 10.83
N LYS B 163 -12.72 30.18 11.59
CA LYS B 163 -12.94 29.84 13.00
C LYS B 163 -13.45 28.41 13.20
N LYS B 164 -14.40 27.96 12.37
CA LYS B 164 -14.93 26.61 12.56
C LYS B 164 -13.84 25.55 12.44
N TRP B 165 -12.92 25.74 11.49
CA TRP B 165 -11.90 24.73 11.28
C TRP B 165 -10.76 24.85 12.29
N VAL B 166 -10.46 26.07 12.73
CA VAL B 166 -9.46 26.27 13.78
C VAL B 166 -9.89 25.59 15.07
N GLU B 167 -11.14 25.81 15.48
CA GLU B 167 -11.60 25.18 16.70
C GLU B 167 -11.68 23.67 16.57
N SER B 168 -12.05 23.18 15.38
CA SER B 168 -12.10 21.74 15.16
C SER B 168 -10.69 21.14 15.20
N ILE B 169 -9.73 21.76 14.51
CA ILE B 169 -8.38 21.20 14.48
C ILE B 169 -7.76 21.21 15.87
N THR B 170 -8.03 22.24 16.66
CA THR B 170 -7.57 22.25 18.05
C THR B 170 -8.07 21.01 18.79
N LYS B 171 -9.36 20.67 18.62
CA LYS B 171 -9.89 19.51 19.33
C LYS B 171 -9.32 18.21 18.80
N ILE B 172 -9.13 18.11 17.48
CA ILE B 172 -8.56 16.91 16.89
C ILE B 172 -7.17 16.66 17.44
N ILE B 173 -6.35 17.71 17.55
CA ILE B 173 -5.01 17.56 18.11
C ILE B 173 -5.09 17.03 19.54
N GLN B 174 -5.97 17.62 20.35
CA GLN B 174 -6.06 17.18 21.73
C GLN B 174 -6.52 15.74 21.83
N ARG B 175 -7.42 15.32 20.95
N ARG B 175 -7.41 15.31 20.93
CA ARG B 175 -7.84 13.92 20.89
CA ARG B 175 -7.83 13.91 20.93
C ARG B 175 -6.68 13.01 20.51
C ARG B 175 -6.70 12.99 20.48
N LYS B 176 -5.94 13.39 19.45
CA LYS B 176 -4.82 12.58 18.98
C LYS B 176 -3.76 12.38 20.06
N LYS B 177 -3.65 13.33 20.99
CA LYS B 177 -2.62 13.22 22.02
C LYS B 177 -2.92 12.10 23.00
N ILE B 178 -4.19 11.89 23.34
CA ILE B 178 -4.54 10.88 24.35
C ILE B 178 -5.03 9.58 23.71
N ALA B 179 -4.93 9.44 22.40
CA ALA B 179 -5.37 8.22 21.72
C ALA B 179 -4.25 7.20 21.68
N ASN B 187 -14.45 0.37 16.23
CA ASN B 187 -15.84 -0.08 16.29
C ASN B 187 -16.39 -0.29 14.88
N ILE B 188 -16.84 -1.51 14.59
CA ILE B 188 -17.14 -1.96 13.24
C ILE B 188 -18.59 -2.45 13.16
N THR B 189 -19.29 -2.08 12.09
CA THR B 189 -20.65 -2.56 11.82
C THR B 189 -20.72 -3.22 10.44
N PHE B 190 -21.53 -4.30 10.33
CA PHE B 190 -21.50 -5.16 9.16
C PHE B 190 -22.84 -5.34 8.46
N GLN B 191 -22.75 -5.76 7.20
CA GLN B 191 -23.96 -6.07 6.45
C GLN B 191 -24.63 -7.34 6.95
N SER B 192 -23.91 -8.26 7.60
CA SER B 192 -24.51 -9.51 8.07
C SER B 192 -23.79 -9.96 9.34
N SER B 193 -24.25 -11.09 9.88
CA SER B 193 -23.58 -11.73 11.01
C SER B 193 -22.44 -12.61 10.51
N PRO B 194 -21.34 -12.69 11.25
CA PRO B 194 -20.26 -13.60 10.85
C PRO B 194 -20.71 -15.04 11.00
N PRO B 195 -20.11 -15.96 10.23
CA PRO B 195 -20.51 -17.36 10.33
C PRO B 195 -20.12 -17.96 11.66
N THR B 196 -20.75 -19.08 11.98
CA THR B 196 -20.47 -19.78 13.23
C THR B 196 -19.07 -20.36 13.24
N VAL B 197 -18.37 -20.23 14.39
CA VAL B 197 -17.05 -20.82 14.53
C VAL B 197 -17.16 -22.34 14.43
N GLU B 198 -16.25 -22.95 13.68
CA GLU B 198 -16.29 -24.39 13.42
C GLU B 198 -15.26 -25.13 14.26
N TRP B 199 -15.66 -26.28 14.78
CA TRP B 199 -14.82 -27.12 15.63
C TRP B 199 -14.76 -28.54 15.09
N HIS B 200 -13.61 -29.19 15.33
CA HIS B 200 -13.32 -30.53 14.81
C HIS B 200 -12.98 -31.40 16.03
N ILE B 201 -11.77 -31.96 16.10
CA ILE B 201 -11.40 -32.84 17.21
C ILE B 201 -11.19 -32.03 18.49
N SER B 202 -10.39 -30.97 18.42
CA SER B 202 -10.24 -30.08 19.57
C SER B 202 -11.56 -29.36 19.84
N ARG B 203 -11.96 -29.34 21.10
CA ARG B 203 -13.21 -28.70 21.48
C ARG B 203 -12.93 -27.37 22.16
N PRO B 204 -13.91 -26.47 22.21
CA PRO B 204 -13.69 -25.14 22.79
C PRO B 204 -13.09 -25.22 24.19
N GLY B 205 -12.05 -24.42 24.43
CA GLY B 205 -11.40 -24.36 25.73
C GLY B 205 -10.30 -25.38 25.95
N HIS B 206 -10.09 -26.31 25.02
CA HIS B 206 -9.09 -27.36 25.20
C HIS B 206 -7.86 -27.06 24.36
N ILE B 207 -7.23 -25.93 24.71
CA ILE B 207 -6.12 -25.40 23.94
C ILE B 207 -4.93 -26.34 23.90
N GLU B 208 -4.81 -27.23 24.90
CA GLU B 208 -3.67 -28.14 24.94
C GLU B 208 -3.73 -29.20 23.84
N THR B 209 -4.89 -29.40 23.21
CA THR B 209 -5.00 -30.35 22.11
C THR B 209 -4.92 -29.68 20.74
N PHE B 210 -4.90 -28.35 20.68
CA PHE B 210 -4.88 -27.64 19.40
C PHE B 210 -3.65 -28.04 18.58
N ASP B 211 -3.87 -28.34 17.31
CA ASP B 211 -2.79 -28.70 16.40
C ASP B 211 -3.34 -28.61 14.98
N LEU B 212 -2.45 -28.83 14.01
CA LEU B 212 -2.82 -28.72 12.60
C LEU B 212 -4.01 -29.58 12.23
N LEU B 213 -4.05 -30.83 12.72
CA LEU B 213 -5.09 -31.76 12.31
C LEU B 213 -6.28 -31.80 13.25
N THR B 214 -6.17 -31.22 14.45
CA THR B 214 -7.26 -31.28 15.43
C THR B 214 -8.14 -30.05 15.43
N LEU B 215 -7.62 -28.88 15.07
CA LEU B 215 -8.49 -27.74 14.78
C LEU B 215 -9.19 -27.97 13.44
N HIS B 216 -10.35 -27.34 13.27
CA HIS B 216 -11.06 -27.47 12.01
C HIS B 216 -10.32 -26.69 10.94
N PRO B 217 -10.07 -27.27 9.76
CA PRO B 217 -9.30 -26.52 8.75
C PRO B 217 -9.96 -25.23 8.33
N ILE B 218 -11.30 -25.18 8.31
CA ILE B 218 -11.97 -23.91 8.01
C ILE B 218 -11.58 -22.87 9.03
N GLU B 219 -11.55 -23.25 10.31
CA GLU B 219 -11.34 -22.27 11.36
C GLU B 219 -9.87 -21.89 11.49
N ILE B 220 -8.96 -22.82 11.18
CA ILE B 220 -7.55 -22.44 11.05
C ILE B 220 -7.40 -21.32 10.02
N ALA B 221 -7.99 -21.51 8.85
CA ALA B 221 -7.86 -20.49 7.81
C ALA B 221 -8.52 -19.18 8.22
N ARG B 222 -9.70 -19.25 8.85
CA ARG B 222 -10.36 -18.00 9.30
C ARG B 222 -9.54 -17.25 10.34
N GLN B 223 -9.06 -17.96 11.36
CA GLN B 223 -8.36 -17.27 12.44
C GLN B 223 -7.01 -16.75 11.97
N LEU B 224 -6.32 -17.51 11.11
CA LEU B 224 -5.08 -16.98 10.53
C LEU B 224 -5.36 -15.78 9.64
N THR B 225 -6.50 -15.78 8.94
CA THR B 225 -6.84 -14.62 8.10
C THR B 225 -7.12 -13.38 8.94
N LEU B 226 -7.87 -13.53 10.05
CA LEU B 226 -8.05 -12.41 10.97
C LEU B 226 -6.72 -11.89 11.50
N LEU B 227 -5.84 -12.81 11.92
CA LEU B 227 -4.54 -12.40 12.43
C LEU B 227 -3.71 -11.70 11.37
N GLU B 228 -3.65 -12.29 10.16
CA GLU B 228 -2.84 -11.71 9.08
C GLU B 228 -3.46 -10.43 8.55
N SER B 229 -4.79 -10.33 8.55
CA SER B 229 -5.43 -9.06 8.19
C SER B 229 -5.07 -7.97 9.19
N ASP B 230 -5.17 -8.27 10.48
CA ASP B 230 -4.79 -7.27 11.49
C ASP B 230 -3.32 -6.85 11.33
N LEU B 231 -2.43 -7.80 11.06
CA LEU B 231 -1.02 -7.45 10.89
C LEU B 231 -0.82 -6.58 9.65
N TYR B 232 -1.52 -6.92 8.56
CA TYR B 232 -1.46 -6.12 7.34
C TYR B 232 -1.95 -4.69 7.59
N ARG B 233 -3.08 -4.56 8.29
CA ARG B 233 -3.72 -3.27 8.50
C ARG B 233 -2.92 -2.36 9.44
N ALA B 234 -2.01 -2.94 10.23
CA ALA B 234 -1.25 -2.14 11.20
C ALA B 234 -0.05 -1.42 10.60
N VAL B 235 0.36 -1.75 9.37
CA VAL B 235 1.58 -1.18 8.80
C VAL B 235 1.30 0.23 8.29
N GLN B 236 2.04 1.21 8.82
CA GLN B 236 1.86 2.61 8.42
C GLN B 236 2.89 3.00 7.37
N PRO B 237 2.61 4.04 6.58
CA PRO B 237 3.59 4.46 5.56
C PRO B 237 4.92 4.89 6.14
N SER B 238 4.93 5.37 7.39
CA SER B 238 6.19 5.76 8.04
C SER B 238 7.15 4.59 8.13
N GLU B 239 6.66 3.37 8.10
N GLU B 239 6.66 3.36 8.11
CA GLU B 239 7.52 2.18 8.13
CA GLU B 239 7.54 2.19 8.15
C GLU B 239 8.12 1.85 6.78
C GLU B 239 8.10 1.83 6.78
N LEU B 240 7.69 2.54 5.72
CA LEU B 240 8.02 2.20 4.35
C LEU B 240 8.82 3.27 3.63
N VAL B 241 8.45 4.55 3.77
CA VAL B 241 9.15 5.58 3.02
C VAL B 241 10.60 5.67 3.47
N GLY B 242 11.49 5.96 2.53
CA GLY B 242 12.90 5.97 2.83
C GLY B 242 13.52 4.59 2.94
N SER B 243 12.79 3.54 2.55
CA SER B 243 13.25 2.16 2.60
C SER B 243 13.74 1.77 3.99
N VAL B 244 13.12 2.32 5.03
CA VAL B 244 13.69 2.20 6.37
C VAL B 244 13.62 0.78 6.92
N TRP B 245 12.76 -0.10 6.36
CA TRP B 245 12.70 -1.47 6.86
C TRP B 245 13.91 -2.30 6.43
N THR B 246 14.75 -1.75 5.54
CA THR B 246 15.97 -2.43 5.10
C THR B 246 17.21 -1.91 5.80
N LYS B 247 17.10 -0.82 6.56
CA LYS B 247 18.28 -0.14 7.09
C LYS B 247 18.59 -0.60 8.52
N GLU B 248 19.67 -0.05 9.09
CA GLU B 248 20.17 -0.55 10.37
C GLU B 248 19.17 -0.36 11.49
N ASP B 249 18.35 0.69 11.45
CA ASP B 249 17.37 0.94 12.49
C ASP B 249 15.99 0.35 12.15
N LYS B 250 15.93 -0.68 11.31
CA LYS B 250 14.65 -1.24 10.89
C LYS B 250 13.77 -1.67 12.06
N GLU B 251 14.35 -2.17 13.16
CA GLU B 251 13.49 -2.61 14.25
C GLU B 251 12.80 -1.45 14.94
N ILE B 252 13.43 -0.27 14.90
CA ILE B 252 12.84 0.92 15.48
C ILE B 252 11.79 1.51 14.55
N ASN B 253 12.10 1.57 13.25
CA ASN B 253 11.28 2.33 12.32
C ASN B 253 10.19 1.52 11.64
N SER B 254 10.32 0.19 11.59
CA SER B 254 9.35 -0.64 10.86
C SER B 254 8.84 -1.82 11.69
N PRO B 255 8.48 -1.61 12.96
CA PRO B 255 8.17 -2.78 13.81
C PRO B 255 6.91 -3.53 13.39
N ASN B 256 5.86 -2.83 12.93
CA ASN B 256 4.65 -3.56 12.53
C ASN B 256 4.88 -4.34 11.24
N LEU B 257 5.62 -3.77 10.29
CA LEU B 257 5.94 -4.53 9.09
C LEU B 257 6.74 -5.78 9.45
N LEU B 258 7.75 -5.62 10.29
CA LEU B 258 8.59 -6.78 10.62
C LEU B 258 7.80 -7.84 11.37
N LYS B 259 6.89 -7.42 12.26
N LYS B 259 6.89 -7.42 12.26
CA LYS B 259 6.02 -8.39 12.94
CA LYS B 259 6.04 -8.41 12.94
C LYS B 259 5.17 -9.16 11.94
C LYS B 259 5.17 -9.17 11.94
N MET B 260 4.67 -8.45 10.93
CA MET B 260 3.85 -9.10 9.90
C MET B 260 4.67 -10.13 9.12
N ILE B 261 5.88 -9.74 8.69
CA ILE B 261 6.72 -10.67 7.92
C ILE B 261 7.13 -11.85 8.78
N ARG B 262 7.45 -11.60 10.06
CA ARG B 262 7.91 -12.71 10.90
C ARG B 262 6.79 -13.69 11.18
N HIS B 263 5.54 -13.22 11.25
CA HIS B 263 4.41 -14.14 11.34
C HIS B 263 4.35 -15.03 10.11
N THR B 264 4.44 -14.43 8.92
CA THR B 264 4.38 -15.17 7.67
C THR B 264 5.49 -16.22 7.61
N THR B 265 6.71 -15.83 7.99
CA THR B 265 7.82 -16.77 7.98
C THR B 265 7.57 -17.90 8.96
N ASN B 266 7.09 -17.58 10.17
CA ASN B 266 6.84 -18.63 11.15
C ASN B 266 5.78 -19.62 10.68
N LEU B 267 4.71 -19.13 10.04
CA LEU B 267 3.67 -20.06 9.58
C LEU B 267 4.21 -20.96 8.49
N THR B 268 4.97 -20.41 7.55
CA THR B 268 5.56 -21.26 6.51
C THR B 268 6.45 -22.33 7.13
N LEU B 269 7.31 -21.94 8.07
CA LEU B 269 8.17 -22.93 8.71
C LEU B 269 7.36 -23.94 9.52
N TRP B 270 6.26 -23.51 10.14
CA TRP B 270 5.41 -24.45 10.87
C TRP B 270 4.79 -25.49 9.93
N PHE B 271 4.33 -25.05 8.76
CA PHE B 271 3.81 -26.00 7.77
C PHE B 271 4.89 -27.01 7.39
N GLU B 272 6.10 -26.53 7.10
CA GLU B 272 7.19 -27.44 6.76
C GLU B 272 7.49 -28.41 7.90
N LYS B 273 7.53 -27.90 9.13
CA LYS B 273 7.82 -28.75 10.29
C LYS B 273 6.74 -29.80 10.50
N CYS B 274 5.45 -29.41 10.36
CA CYS B 274 4.38 -30.40 10.47
C CYS B 274 4.56 -31.52 9.45
N ILE B 275 4.97 -31.18 8.24
CA ILE B 275 5.10 -32.17 7.17
C ILE B 275 6.26 -33.12 7.46
N VAL B 276 7.47 -32.56 7.67
CA VAL B 276 8.64 -33.45 7.71
C VAL B 276 8.79 -34.16 9.06
N GLU B 277 8.17 -33.65 10.14
CA GLU B 277 8.17 -34.40 11.39
C GLU B 277 7.10 -35.48 11.45
N THR B 278 6.26 -35.58 10.44
CA THR B 278 5.31 -36.71 10.33
C THR B 278 6.00 -37.77 9.48
N GLU B 279 6.66 -38.72 10.16
CA GLU B 279 7.52 -39.68 9.45
C GLU B 279 6.73 -40.77 8.73
N ASN B 280 5.56 -41.15 9.24
CA ASN B 280 4.73 -42.14 8.57
C ASN B 280 4.15 -41.55 7.28
N LEU B 281 4.31 -42.29 6.17
CA LEU B 281 3.92 -41.77 4.86
C LEU B 281 2.42 -41.46 4.80
N GLU B 282 1.59 -42.41 5.24
CA GLU B 282 0.14 -42.20 5.20
C GLU B 282 -0.26 -40.98 6.04
N GLU B 283 0.32 -40.85 7.23
CA GLU B 283 0.00 -39.68 8.05
C GLU B 283 0.50 -38.40 7.41
N ARG B 284 1.67 -38.44 6.76
CA ARG B 284 2.20 -37.22 6.15
C ARG B 284 1.36 -36.78 4.97
N VAL B 285 0.80 -37.73 4.23
CA VAL B 285 -0.15 -37.40 3.16
C VAL B 285 -1.36 -36.67 3.75
N ALA B 286 -1.87 -37.14 4.89
CA ALA B 286 -3.00 -36.46 5.52
C ALA B 286 -2.64 -35.05 5.94
N VAL B 287 -1.41 -34.86 6.44
CA VAL B 287 -0.95 -33.52 6.83
C VAL B 287 -0.90 -32.60 5.61
N VAL B 288 -0.28 -33.05 4.52
CA VAL B 288 -0.18 -32.20 3.34
C VAL B 288 -1.56 -31.92 2.76
N SER B 289 -2.42 -32.93 2.73
N SER B 289 -2.43 -32.93 2.72
CA SER B 289 -3.78 -32.73 2.24
CA SER B 289 -3.79 -32.71 2.22
C SER B 289 -4.51 -31.68 3.06
C SER B 289 -4.52 -31.67 3.06
N ARG B 290 -4.32 -31.69 4.39
CA ARG B 290 -4.98 -30.71 5.24
C ARG B 290 -4.44 -29.30 4.97
N ILE B 291 -3.15 -29.19 4.72
CA ILE B 291 -2.56 -27.88 4.42
C ILE B 291 -3.12 -27.32 3.12
N ILE B 292 -3.31 -28.18 2.11
CA ILE B 292 -3.89 -27.71 0.86
C ILE B 292 -5.36 -27.34 1.04
N GLU B 293 -6.08 -28.01 1.94
CA GLU B 293 -7.43 -27.57 2.26
C GLU B 293 -7.42 -26.19 2.91
N ILE B 294 -6.49 -25.95 3.83
CA ILE B 294 -6.37 -24.61 4.40
C ILE B 294 -6.10 -23.59 3.31
N LEU B 295 -5.20 -23.92 2.38
N LEU B 295 -5.20 -23.93 2.38
CA LEU B 295 -4.95 -23.05 1.24
CA LEU B 295 -4.93 -23.08 1.22
C LEU B 295 -6.22 -22.74 0.46
C LEU B 295 -6.22 -22.75 0.47
N GLN B 296 -7.07 -23.76 0.25
CA GLN B 296 -8.32 -23.54 -0.45
C GLN B 296 -9.19 -22.50 0.26
N VAL B 297 -9.25 -22.55 1.59
CA VAL B 297 -10.06 -21.57 2.30
C VAL B 297 -9.41 -20.19 2.26
N PHE B 298 -8.07 -20.14 2.35
CA PHE B 298 -7.36 -18.88 2.14
C PHE B 298 -7.75 -18.25 0.81
N GLN B 299 -7.78 -19.04 -0.26
CA GLN B 299 -8.21 -18.51 -1.56
C GLN B 299 -9.63 -17.97 -1.50
N GLU B 300 -10.53 -18.72 -0.87
CA GLU B 300 -11.92 -18.27 -0.78
C GLU B 300 -12.04 -16.97 -0.01
N LEU B 301 -11.17 -16.74 0.97
CA LEU B 301 -11.18 -15.53 1.79
C LEU B 301 -10.36 -14.39 1.20
N ASN B 302 -9.74 -14.59 0.02
CA ASN B 302 -8.84 -13.60 -0.57
C ASN B 302 -7.67 -13.28 0.36
N ASN B 303 -7.22 -14.27 1.13
CA ASN B 303 -6.03 -14.06 1.97
C ASN B 303 -4.84 -14.52 1.15
N PHE B 304 -4.29 -13.59 0.36
CA PHE B 304 -3.19 -13.94 -0.54
C PHE B 304 -1.89 -14.14 0.23
N ASN B 305 -1.70 -13.41 1.33
CA ASN B 305 -0.58 -13.71 2.21
C ASN B 305 -0.60 -15.17 2.64
N GLY B 306 -1.77 -15.65 3.07
CA GLY B 306 -1.89 -17.03 3.50
C GLY B 306 -1.66 -18.00 2.36
N VAL B 307 -2.23 -17.72 1.19
CA VAL B 307 -1.98 -18.55 0.01
C VAL B 307 -0.48 -18.73 -0.20
N LEU B 308 0.27 -17.62 -0.16
CA LEU B 308 1.68 -17.72 -0.47
C LEU B 308 2.48 -18.34 0.66
N GLU B 309 2.03 -18.20 1.92
CA GLU B 309 2.64 -18.92 3.03
C GLU B 309 2.64 -20.41 2.76
N VAL B 310 1.53 -20.93 2.25
CA VAL B 310 1.43 -22.35 1.95
C VAL B 310 2.29 -22.71 0.74
N VAL B 311 2.17 -21.91 -0.33
CA VAL B 311 2.95 -22.17 -1.53
C VAL B 311 4.44 -22.18 -1.22
N SER B 312 4.91 -21.22 -0.40
CA SER B 312 6.32 -21.17 -0.04
C SER B 312 6.75 -22.43 0.70
N ALA B 313 5.88 -22.96 1.56
CA ALA B 313 6.21 -24.19 2.28
C ALA B 313 6.29 -25.37 1.31
N MET B 314 5.34 -25.46 0.37
CA MET B 314 5.33 -26.60 -0.55
C MET B 314 6.47 -26.54 -1.56
N ASN B 315 7.02 -25.35 -1.82
CA ASN B 315 8.17 -25.21 -2.70
C ASN B 315 9.50 -25.20 -1.95
N SER B 316 9.49 -25.33 -0.64
CA SER B 316 10.73 -25.32 0.12
C SER B 316 11.52 -26.59 -0.16
N SER B 317 12.85 -26.49 0.01
CA SER B 317 13.70 -27.66 -0.23
C SER B 317 13.29 -28.90 0.55
N PRO B 318 12.92 -28.84 1.84
CA PRO B 318 12.55 -30.08 2.53
C PRO B 318 11.28 -30.72 2.01
N VAL B 319 10.30 -29.93 1.59
CA VAL B 319 9.00 -30.49 1.21
C VAL B 319 8.96 -30.85 -0.27
N TYR B 320 9.55 -30.00 -1.10
CA TYR B 320 9.44 -30.14 -2.55
C TYR B 320 9.88 -31.52 -3.02
N ARG B 321 10.90 -32.09 -2.37
CA ARG B 321 11.51 -33.33 -2.82
C ARG B 321 10.77 -34.58 -2.39
N LEU B 322 9.64 -34.46 -1.67
CA LEU B 322 8.97 -35.64 -1.11
C LEU B 322 8.03 -36.28 -2.14
N ASP B 323 8.66 -36.93 -3.14
CA ASP B 323 7.90 -37.50 -4.25
C ASP B 323 6.92 -38.59 -3.82
N HIS B 324 7.25 -39.39 -2.80
CA HIS B 324 6.32 -40.44 -2.38
C HIS B 324 5.05 -39.84 -1.78
N THR B 325 5.19 -38.71 -1.09
CA THR B 325 4.04 -38.00 -0.54
C THR B 325 3.24 -37.37 -1.67
N PHE B 326 3.92 -36.69 -2.60
CA PHE B 326 3.28 -36.10 -3.75
C PHE B 326 2.43 -37.12 -4.51
N GLU B 327 2.95 -38.33 -4.69
CA GLU B 327 2.23 -39.33 -5.50
C GLU B 327 0.85 -39.65 -4.94
N GLN B 328 0.66 -39.54 -3.64
CA GLN B 328 -0.61 -39.93 -3.05
C GLN B 328 -1.59 -38.77 -2.86
N ILE B 329 -1.17 -37.55 -3.17
CA ILE B 329 -2.10 -36.41 -3.02
C ILE B 329 -3.15 -36.47 -4.13
N PRO B 330 -4.43 -36.30 -3.79
CA PRO B 330 -5.49 -36.37 -4.82
C PRO B 330 -5.26 -35.37 -5.95
N SER B 331 -5.60 -35.78 -7.17
N SER B 331 -5.70 -35.74 -7.14
CA SER B 331 -5.35 -34.95 -8.34
CA SER B 331 -5.56 -34.86 -8.31
C SER B 331 -5.96 -33.57 -8.20
C SER B 331 -6.20 -33.50 -8.08
N ARG B 332 -7.17 -33.48 -7.63
N ARG B 332 -7.40 -33.47 -7.49
CA ARG B 332 -7.82 -32.20 -7.47
CA ARG B 332 -8.06 -32.18 -7.28
C ARG B 332 -7.01 -31.27 -6.58
C ARG B 332 -7.28 -31.27 -6.33
N GLN B 333 -6.37 -31.83 -5.54
CA GLN B 333 -5.58 -30.99 -4.63
C GLN B 333 -4.26 -30.58 -5.27
N LYS B 334 -3.67 -31.47 -6.09
CA LYS B 334 -2.53 -31.04 -6.90
C LYS B 334 -2.92 -29.86 -7.78
N LYS B 335 -4.15 -29.86 -8.30
CA LYS B 335 -4.57 -28.77 -9.17
C LYS B 335 -4.75 -27.47 -8.40
N ILE B 336 -5.31 -27.56 -7.18
CA ILE B 336 -5.45 -26.37 -6.34
C ILE B 336 -4.09 -25.76 -6.03
N LEU B 337 -3.12 -26.62 -5.68
CA LEU B 337 -1.80 -26.10 -5.35
C LEU B 337 -1.13 -25.51 -6.59
N GLU B 338 -1.30 -26.16 -7.74
CA GLU B 338 -0.71 -25.66 -8.98
C GLU B 338 -1.26 -24.28 -9.33
N GLU B 339 -2.57 -24.10 -9.24
N GLU B 339 -2.58 -24.13 -9.29
CA GLU B 339 -3.13 -22.80 -9.59
CA GLU B 339 -3.20 -22.83 -9.54
C GLU B 339 -2.76 -21.72 -8.59
C GLU B 339 -2.61 -21.76 -8.62
N ALA B 340 -2.49 -22.09 -7.32
CA ALA B 340 -1.95 -21.12 -6.38
C ALA B 340 -0.51 -20.76 -6.73
N HIS B 341 0.30 -21.76 -7.07
CA HIS B 341 1.69 -21.48 -7.48
C HIS B 341 1.72 -20.61 -8.72
N GLU B 342 0.79 -20.81 -9.65
CA GLU B 342 0.79 -20.01 -10.88
C GLU B 342 0.52 -18.54 -10.63
N LEU B 343 -0.06 -18.18 -9.48
CA LEU B 343 -0.21 -16.77 -9.15
C LEU B 343 1.15 -16.06 -9.10
N SER B 344 2.20 -16.77 -8.68
CA SER B 344 3.50 -16.16 -8.47
C SER B 344 4.36 -16.16 -9.72
N GLU B 345 4.01 -16.94 -10.72
CA GLU B 345 4.84 -17.07 -11.91
C GLU B 345 4.88 -15.77 -12.72
N ASP B 346 5.92 -15.64 -13.55
CA ASP B 346 6.08 -14.47 -14.40
C ASP B 346 5.99 -13.18 -13.59
N HIS B 347 6.74 -13.13 -12.48
CA HIS B 347 6.82 -11.94 -11.64
C HIS B 347 5.43 -11.55 -11.12
N TYR B 348 4.71 -12.56 -10.63
CA TYR B 348 3.41 -12.39 -9.97
C TYR B 348 2.34 -11.86 -10.91
N LYS B 349 2.45 -12.15 -12.21
CA LYS B 349 1.50 -11.60 -13.18
C LYS B 349 0.06 -11.94 -12.81
N LYS B 350 -0.23 -13.22 -12.55
CA LYS B 350 -1.62 -13.60 -12.27
C LYS B 350 -2.07 -13.12 -10.90
N TYR B 351 -1.16 -13.10 -9.92
CA TYR B 351 -1.50 -12.54 -8.62
C TYR B 351 -1.94 -11.09 -8.74
N LEU B 352 -1.16 -10.28 -9.43
CA LEU B 352 -1.48 -8.85 -9.54
C LEU B 352 -2.85 -8.66 -10.18
N ALA B 353 -3.13 -9.42 -11.24
CA ALA B 353 -4.43 -9.31 -11.89
C ALA B 353 -5.55 -9.78 -10.98
N LYS B 354 -5.31 -10.83 -10.19
CA LYS B 354 -6.35 -11.34 -9.30
C LYS B 354 -6.62 -10.36 -8.17
N LEU B 355 -5.56 -9.81 -7.57
CA LEU B 355 -5.75 -8.81 -6.51
C LEU B 355 -6.62 -7.65 -6.98
N ARG B 356 -6.41 -7.21 -8.22
CA ARG B 356 -7.13 -6.07 -8.77
C ARG B 356 -8.52 -6.44 -9.24
N SER B 357 -8.91 -7.71 -9.19
CA SER B 357 -10.23 -8.11 -9.63
C SER B 357 -11.16 -8.55 -8.50
N ILE B 358 -10.63 -8.91 -7.33
CA ILE B 358 -11.51 -9.48 -6.31
C ILE B 358 -12.31 -8.39 -5.60
N ASN B 359 -13.28 -8.83 -4.80
CA ASN B 359 -14.06 -7.94 -3.95
C ASN B 359 -13.48 -8.02 -2.55
N PRO B 360 -12.91 -6.94 -2.03
CA PRO B 360 -12.34 -6.99 -0.67
C PRO B 360 -13.41 -7.30 0.35
N PRO B 361 -13.04 -7.70 1.57
CA PRO B 361 -11.69 -7.69 2.16
C PRO B 361 -10.74 -8.71 1.58
N CYS B 362 -9.45 -8.37 1.61
CA CYS B 362 -8.40 -9.28 1.20
C CYS B 362 -7.19 -9.01 2.09
N VAL B 363 -6.21 -9.91 2.02
CA VAL B 363 -4.92 -9.69 2.65
C VAL B 363 -3.86 -9.79 1.55
N PRO B 364 -3.36 -8.66 1.06
CA PRO B 364 -2.33 -8.71 0.04
C PRO B 364 -1.05 -9.35 0.54
N PHE B 365 -0.25 -9.84 -0.41
CA PHE B 365 1.14 -10.17 -0.12
C PHE B 365 1.97 -8.89 -0.13
N PHE B 366 2.65 -8.60 0.99
CA PHE B 366 3.33 -7.31 1.12
C PHE B 366 4.64 -7.25 0.35
N GLY B 367 5.27 -8.40 0.08
CA GLY B 367 6.64 -8.37 -0.43
C GLY B 367 6.77 -7.61 -1.74
N ILE B 368 5.77 -7.71 -2.62
CA ILE B 368 5.85 -7.01 -3.91
C ILE B 368 5.90 -5.50 -3.70
N TYR B 369 5.07 -5.00 -2.77
CA TYR B 369 5.10 -3.57 -2.47
C TYR B 369 6.47 -3.14 -1.98
N LEU B 370 7.09 -3.96 -1.13
CA LEU B 370 8.40 -3.61 -0.57
C LEU B 370 9.43 -3.49 -1.68
N THR B 371 9.48 -4.49 -2.58
CA THR B 371 10.44 -4.43 -3.68
C THR B 371 10.17 -3.22 -4.58
N ASN B 372 8.90 -2.90 -4.85
CA ASN B 372 8.62 -1.77 -5.74
C ASN B 372 8.94 -0.44 -5.08
N ILE B 373 8.69 -0.29 -3.78
CA ILE B 373 9.07 0.95 -3.10
C ILE B 373 10.59 1.10 -3.10
N LEU B 374 11.30 0.03 -2.74
N LEU B 374 11.30 0.03 -2.73
CA LEU B 374 12.76 0.08 -2.66
CA LEU B 374 12.76 0.10 -2.67
C LEU B 374 13.37 0.43 -4.01
C LEU B 374 13.36 0.46 -4.02
N LYS B 375 12.90 -0.21 -5.08
CA LYS B 375 13.48 0.03 -6.40
C LYS B 375 13.10 1.41 -6.94
N THR B 376 11.90 1.90 -6.61
CA THR B 376 11.55 3.27 -6.98
C THR B 376 12.48 4.26 -6.29
N GLU B 377 12.76 4.05 -5.00
N GLU B 377 12.80 4.03 -5.02
CA GLU B 377 13.67 4.93 -4.27
CA GLU B 377 13.65 4.97 -4.31
C GLU B 377 15.08 4.86 -4.85
C GLU B 377 15.11 4.85 -4.73
N GLU B 378 15.57 3.65 -5.08
CA GLU B 378 16.95 3.47 -5.49
C GLU B 378 17.18 3.87 -6.93
N GLY B 379 16.16 3.76 -7.79
CA GLY B 379 16.32 3.93 -9.21
C GLY B 379 16.00 5.31 -9.76
N ASN B 380 15.68 6.27 -8.90
CA ASN B 380 15.36 7.62 -9.33
C ASN B 380 16.12 8.62 -8.47
N PRO B 381 16.58 9.72 -9.08
CA PRO B 381 17.37 10.70 -8.31
C PRO B 381 16.51 11.56 -7.41
N GLU B 382 17.11 12.01 -6.30
CA GLU B 382 16.42 12.90 -5.38
C GLU B 382 16.12 14.25 -6.02
N VAL B 383 17.04 14.74 -6.86
CA VAL B 383 16.88 16.05 -7.46
C VAL B 383 17.06 15.96 -8.97
N LEU B 384 16.49 16.93 -9.66
CA LEU B 384 16.76 17.14 -11.08
C LEU B 384 17.48 18.48 -11.21
N LYS B 385 18.53 18.51 -12.02
CA LYS B 385 19.30 19.73 -12.24
C LYS B 385 18.82 20.39 -13.52
N ARG B 386 18.38 21.64 -13.41
CA ARG B 386 17.80 22.36 -14.52
C ARG B 386 18.21 23.81 -14.41
N HIS B 387 18.83 24.35 -15.46
CA HIS B 387 19.18 25.76 -15.52
C HIS B 387 20.03 26.18 -14.31
N GLY B 388 20.95 25.31 -13.91
CA GLY B 388 21.79 25.58 -12.77
C GLY B 388 21.14 25.42 -11.40
N LYS B 389 19.86 25.07 -11.35
CA LYS B 389 19.14 24.91 -10.10
C LYS B 389 18.91 23.44 -9.81
N GLU B 390 18.82 23.11 -8.53
CA GLU B 390 18.45 21.76 -8.13
C GLU B 390 16.99 21.79 -7.73
N LEU B 391 16.17 21.01 -8.45
CA LEU B 391 14.74 20.92 -8.15
C LEU B 391 14.44 19.58 -7.52
N ILE B 392 13.54 19.57 -6.54
CA ILE B 392 13.12 18.31 -5.95
C ILE B 392 12.43 17.46 -7.00
N ASN B 393 12.88 16.21 -7.15
CA ASN B 393 12.26 15.28 -8.11
C ASN B 393 10.97 14.78 -7.47
N PHE B 394 9.85 15.45 -7.74
CA PHE B 394 8.62 15.06 -7.07
C PHE B 394 7.97 13.83 -7.71
N SER B 395 8.21 13.60 -9.00
N SER B 395 8.21 13.61 -9.01
N SER B 395 8.22 13.58 -9.00
CA SER B 395 7.64 12.42 -9.65
CA SER B 395 7.67 12.43 -9.68
CA SER B 395 7.63 12.40 -9.65
C SER B 395 8.06 11.13 -8.93
C SER B 395 8.06 11.14 -8.94
C SER B 395 8.08 11.11 -8.99
N LYS B 396 9.30 11.09 -8.44
CA LYS B 396 9.76 9.93 -7.69
C LYS B 396 8.92 9.72 -6.43
N ARG B 397 8.61 10.81 -5.73
CA ARG B 397 7.80 10.72 -4.52
C ARG B 397 6.37 10.33 -4.85
N ARG B 398 5.82 10.87 -5.94
CA ARG B 398 4.47 10.47 -6.36
C ARG B 398 4.41 8.97 -6.61
N LYS B 399 5.45 8.40 -7.24
CA LYS B 399 5.45 6.97 -7.49
C LYS B 399 5.47 6.16 -6.19
N VAL B 400 6.25 6.59 -5.21
CA VAL B 400 6.24 5.91 -3.92
C VAL B 400 4.86 6.01 -3.28
N ALA B 401 4.26 7.20 -3.31
CA ALA B 401 2.95 7.37 -2.68
C ALA B 401 1.84 6.66 -3.44
N GLU B 402 2.03 6.36 -4.72
CA GLU B 402 1.05 5.53 -5.40
C GLU B 402 1.03 4.14 -4.81
N ILE B 403 2.21 3.63 -4.43
CA ILE B 403 2.28 2.31 -3.81
C ILE B 403 1.73 2.35 -2.39
N THR B 404 2.13 3.34 -1.58
CA THR B 404 1.56 3.40 -0.23
C THR B 404 0.06 3.62 -0.26
N GLY B 405 -0.44 4.34 -1.28
CA GLY B 405 -1.88 4.52 -1.40
C GLY B 405 -2.61 3.23 -1.74
N GLU B 406 -2.00 2.39 -2.58
N GLU B 406 -2.01 2.41 -2.59
CA GLU B 406 -2.57 1.08 -2.90
CA GLU B 406 -2.61 1.10 -2.87
C GLU B 406 -2.61 0.18 -1.67
C GLU B 406 -2.65 0.26 -1.61
N ILE B 407 -1.54 0.22 -0.87
CA ILE B 407 -1.53 -0.51 0.40
C ILE B 407 -2.67 -0.05 1.29
N GLN B 408 -2.81 1.26 1.46
CA GLN B 408 -3.82 1.79 2.36
C GLN B 408 -5.22 1.44 1.89
N GLN B 409 -5.44 1.40 0.56
CA GLN B 409 -6.79 1.11 0.07
C GLN B 409 -7.26 -0.27 0.53
N TYR B 410 -6.36 -1.26 0.57
CA TYR B 410 -6.75 -2.60 1.04
C TYR B 410 -6.74 -2.71 2.56
N GLN B 411 -6.30 -1.69 3.28
CA GLN B 411 -6.33 -1.74 4.75
C GLN B 411 -7.67 -1.30 5.32
N ASN B 412 -8.60 -0.84 4.48
CA ASN B 412 -9.81 -0.24 5.02
C ASN B 412 -10.88 -1.28 5.39
N GLN B 413 -10.98 -2.35 4.61
CA GLN B 413 -12.14 -3.25 4.67
C GLN B 413 -11.92 -4.34 5.72
N PRO B 414 -12.78 -4.45 6.73
CA PRO B 414 -12.63 -5.48 7.76
C PRO B 414 -13.29 -6.79 7.36
N TYR B 415 -12.74 -7.88 7.88
CA TYR B 415 -13.35 -9.20 7.66
C TYR B 415 -14.54 -9.42 8.58
N CYS B 416 -15.62 -9.97 8.03
CA CYS B 416 -16.79 -10.35 8.82
C CYS B 416 -16.62 -11.79 9.30
N LEU B 417 -15.69 -11.96 10.23
CA LEU B 417 -15.39 -13.25 10.84
C LEU B 417 -15.21 -13.04 12.34
N ARG B 418 -15.69 -14.00 13.13
CA ARG B 418 -15.60 -13.88 14.58
C ARG B 418 -14.25 -14.39 15.07
N VAL B 419 -13.64 -13.63 15.99
CA VAL B 419 -12.39 -14.07 16.61
C VAL B 419 -12.69 -15.20 17.58
N GLU B 420 -11.84 -16.22 17.58
CA GLU B 420 -11.81 -17.24 18.63
C GLU B 420 -10.52 -17.00 19.40
N SER B 421 -10.65 -16.54 20.65
N SER B 421 -10.65 -16.53 20.65
CA SER B 421 -9.49 -16.01 21.36
CA SER B 421 -9.48 -16.00 21.34
C SER B 421 -8.43 -17.08 21.62
C SER B 421 -8.43 -17.08 21.62
N ASP B 422 -8.85 -18.32 21.89
CA ASP B 422 -7.88 -19.39 22.13
C ASP B 422 -7.17 -19.80 20.85
N ILE B 423 -7.90 -19.92 19.74
CA ILE B 423 -7.23 -20.25 18.48
C ILE B 423 -6.30 -19.13 18.06
N LYS B 424 -6.74 -17.88 18.24
N LYS B 424 -6.75 -17.88 18.23
CA LYS B 424 -5.87 -16.73 17.94
CA LYS B 424 -5.90 -16.72 17.96
C LYS B 424 -4.59 -16.79 18.75
C LYS B 424 -4.60 -16.80 18.76
N ARG B 425 -4.70 -17.06 20.05
CA ARG B 425 -3.51 -17.13 20.91
C ARG B 425 -2.60 -18.26 20.47
N PHE B 426 -3.17 -19.41 20.09
CA PHE B 426 -2.37 -20.53 19.61
C PHE B 426 -1.50 -20.12 18.43
N PHE B 427 -2.08 -19.42 17.45
CA PHE B 427 -1.28 -19.02 16.30
C PHE B 427 -0.39 -17.84 16.60
N GLU B 428 -0.78 -16.96 17.55
CA GLU B 428 0.12 -15.88 17.93
C GLU B 428 1.38 -16.40 18.59
N ASN B 429 1.28 -17.50 19.33
CA ASN B 429 2.39 -18.04 20.09
C ASN B 429 3.15 -19.13 19.36
N LEU B 430 2.75 -19.46 18.13
CA LEU B 430 3.44 -20.47 17.33
C LEU B 430 4.92 -20.13 17.21
N ASN B 431 5.78 -21.11 17.46
CA ASN B 431 7.23 -20.87 17.48
C ASN B 431 7.95 -22.11 17.00
N PRO B 432 7.84 -22.44 15.72
CA PRO B 432 8.40 -23.72 15.23
C PRO B 432 9.91 -23.84 15.43
N MET B 433 10.66 -22.74 15.37
N MET B 433 10.65 -22.75 15.37
CA MET B 433 12.10 -22.84 15.51
CA MET B 433 12.10 -22.83 15.52
C MET B 433 12.55 -23.02 16.95
C MET B 433 12.56 -23.01 16.96
N GLY B 434 11.69 -22.76 17.93
CA GLY B 434 12.11 -22.89 19.33
C GLY B 434 13.25 -21.94 19.64
N ASN B 435 14.26 -22.43 20.34
CA ASN B 435 15.45 -21.63 20.60
C ASN B 435 16.53 -21.78 19.53
N SER B 436 16.25 -22.51 18.46
CA SER B 436 17.26 -22.75 17.44
C SER B 436 17.45 -21.54 16.54
N MET B 437 18.68 -21.37 16.06
CA MET B 437 18.92 -20.36 15.04
C MET B 437 18.41 -20.84 13.68
N GLU B 438 18.26 -19.90 12.75
CA GLU B 438 17.62 -20.21 11.47
C GLU B 438 18.36 -21.31 10.72
N LYS B 439 19.69 -21.20 10.59
CA LYS B 439 20.42 -22.19 9.80
C LYS B 439 20.31 -23.58 10.42
N GLU B 440 20.53 -23.66 11.73
CA GLU B 440 20.37 -24.89 12.49
C GLU B 440 18.99 -25.51 12.26
N PHE B 441 17.96 -24.68 12.28
CA PHE B 441 16.60 -25.21 12.13
C PHE B 441 16.30 -25.64 10.70
N THR B 442 16.70 -24.85 9.70
CA THR B 442 16.36 -25.28 8.34
C THR B 442 17.24 -26.44 7.89
N ASP B 443 18.46 -26.57 8.43
CA ASP B 443 19.22 -27.80 8.21
C ASP B 443 18.51 -29.00 8.84
N TYR B 444 17.94 -28.81 10.03
CA TYR B 444 17.21 -29.88 10.68
C TYR B 444 16.03 -30.33 9.82
N LEU B 445 15.27 -29.38 9.28
CA LEU B 445 14.12 -29.73 8.43
C LEU B 445 14.58 -30.52 7.21
N PHE B 446 15.69 -30.11 6.59
CA PHE B 446 16.15 -30.81 5.41
C PHE B 446 16.65 -32.21 5.77
N ASN B 447 17.35 -32.34 6.89
CA ASN B 447 17.79 -33.68 7.30
C ASN B 447 16.62 -34.58 7.65
N LYS B 448 15.53 -34.01 8.21
N LYS B 448 15.55 -34.00 8.18
CA LYS B 448 14.34 -34.82 8.42
CA LYS B 448 14.33 -34.77 8.44
C LYS B 448 13.78 -35.28 7.09
C LYS B 448 13.71 -35.24 7.13
N SER B 449 13.73 -34.39 6.11
CA SER B 449 13.25 -34.78 4.77
C SER B 449 14.06 -35.95 4.23
N LEU B 450 15.39 -35.88 4.34
CA LEU B 450 16.23 -36.97 3.88
C LEU B 450 15.99 -38.25 4.67
N GLU B 451 15.65 -38.13 5.95
CA GLU B 451 15.37 -39.31 6.76
C GLU B 451 14.09 -40.02 6.32
N ILE B 452 13.02 -39.25 6.10
CA ILE B 452 11.72 -39.86 5.85
C ILE B 452 11.57 -40.32 4.40
N GLU B 453 12.28 -39.71 3.46
CA GLU B 453 12.29 -40.17 2.07
C GLU B 453 13.71 -40.03 1.56
N PRO B 454 14.53 -41.06 1.75
CA PRO B 454 15.95 -40.95 1.38
C PRO B 454 16.15 -40.81 -0.12
N ARG B 455 17.29 -40.22 -0.48
N ARG B 455 17.28 -40.21 -0.48
CA ARG B 455 17.67 -40.10 -1.89
CA ARG B 455 17.67 -40.08 -1.89
C ARG B 455 17.82 -41.49 -2.51
C ARG B 455 17.84 -41.46 -2.51
N ASN B 456 17.32 -41.63 -3.73
CA ASN B 456 17.57 -42.85 -4.47
C ASN B 456 19.08 -43.05 -4.64
N PRO B 457 19.59 -44.30 -4.60
CA PRO B 457 18.85 -45.56 -4.54
C PRO B 457 18.62 -46.12 -3.13
N LYS B 458 18.74 -45.29 -2.09
CA LYS B 458 18.48 -45.79 -0.74
C LYS B 458 17.02 -46.19 -0.62
N PRO B 459 16.73 -47.33 -0.01
CA PRO B 459 15.34 -47.78 0.10
C PRO B 459 14.52 -46.86 0.97
N LEU B 460 13.21 -46.84 0.69
CA LEU B 460 12.28 -46.06 1.50
C LEU B 460 11.95 -46.82 2.77
N PRO B 461 12.26 -46.28 3.95
CA PRO B 461 11.91 -46.97 5.19
C PRO B 461 10.42 -46.82 5.51
N ARG B 462 9.98 -47.60 6.48
CA ARG B 462 8.67 -47.48 7.08
C ARG B 462 8.81 -46.85 8.47
N PHE B 463 7.78 -46.10 8.88
CA PHE B 463 7.82 -45.43 10.17
C PHE B 463 6.49 -45.64 10.89
N PRO B 464 6.49 -45.68 12.22
CA PRO B 464 5.24 -45.85 12.96
C PRO B 464 4.38 -44.59 12.92
N LYS B 465 3.07 -44.79 13.08
CA LYS B 465 2.13 -43.68 13.21
C LYS B 465 2.41 -42.90 14.50
N LYS B 466 2.14 -41.60 14.46
CA LYS B 466 2.28 -40.74 15.64
C LYS B 466 0.97 -40.13 16.11
N TYR B 467 -0.09 -40.15 15.31
CA TYR B 467 -1.36 -39.54 15.69
C TYR B 467 -2.33 -40.63 16.16
N SER B 468 -2.96 -40.41 17.31
CA SER B 468 -3.90 -41.39 17.84
C SER B 468 -5.35 -41.09 17.46
N TYR B 469 -5.62 -39.96 16.84
CA TYR B 469 -6.96 -39.53 16.51
C TYR B 469 -7.22 -39.72 15.03
N PRO B 470 -8.49 -39.63 14.58
CA PRO B 470 -8.78 -39.85 13.16
C PRO B 470 -8.11 -38.82 12.27
N LEU B 471 -7.59 -39.29 11.13
CA LEU B 471 -6.93 -38.41 10.16
C LEU B 471 -7.88 -37.86 9.11
N LYS B 472 -9.12 -38.37 9.05
CA LYS B 472 -10.04 -37.92 8.01
C LYS B 472 -10.41 -36.45 8.21
N SER B 473 -10.27 -35.67 7.14
CA SER B 473 -10.61 -34.26 7.24
C SER B 473 -12.12 -34.08 7.33
N PRO B 474 -12.60 -33.07 8.09
CA PRO B 474 -14.02 -32.74 8.02
C PRO B 474 -14.40 -31.95 6.77
N GLY B 475 -13.42 -31.60 5.93
CA GLY B 475 -13.69 -30.84 4.72
C GLY B 475 -13.72 -29.35 4.97
N VAL B 476 -13.83 -28.59 3.88
CA VAL B 476 -13.76 -27.14 3.99
C VAL B 476 -15.05 -26.46 3.53
N ARG B 477 -16.13 -27.20 3.42
CA ARG B 477 -17.40 -26.51 3.22
C ARG B 477 -18.07 -26.26 4.57
N PRO B 478 -18.53 -25.04 4.84
CA PRO B 478 -19.03 -24.73 6.18
C PRO B 478 -20.38 -25.35 6.47
N SER B 479 -20.65 -25.52 7.77
CA SER B 479 -21.89 -26.08 8.26
C SER B 479 -22.70 -24.95 8.90
N ASN B 480 -24.01 -25.17 9.03
CA ASN B 480 -24.88 -24.14 9.58
C ASN B 480 -26.07 -24.78 10.27
N PRO B 481 -25.96 -25.03 11.58
CA PRO B 481 -27.14 -25.38 12.36
C PRO B 481 -28.01 -24.16 12.58
N ARG B 482 -29.24 -24.40 13.02
CA ARG B 482 -30.14 -23.29 13.30
C ARG B 482 -29.61 -22.47 14.47
N GLY C 1 12.73 -19.55 -30.99
CA GLY C 1 13.48 -18.32 -31.24
C GLY C 1 14.70 -18.19 -30.36
N MET C 2 14.86 -17.02 -29.74
CA MET C 2 16.06 -16.75 -28.96
C MET C 2 15.94 -17.36 -27.56
N THR C 3 17.09 -17.71 -27.01
CA THR C 3 17.12 -18.31 -25.68
C THR C 3 16.81 -17.27 -24.62
N GLU C 4 16.03 -17.67 -23.62
CA GLU C 4 15.77 -16.85 -22.46
C GLU C 4 16.50 -17.43 -21.27
N TYR C 5 17.24 -16.59 -20.54
CA TYR C 5 17.95 -17.01 -19.34
C TYR C 5 17.26 -16.41 -18.13
N LYS C 6 16.88 -17.28 -17.19
CA LYS C 6 16.27 -16.83 -15.94
C LYS C 6 17.38 -16.66 -14.90
N LEU C 7 17.70 -15.41 -14.57
CA LEU C 7 18.77 -15.09 -13.63
C LEU C 7 18.15 -14.61 -12.33
N VAL C 8 18.78 -14.97 -11.21
CA VAL C 8 18.28 -14.60 -9.88
C VAL C 8 19.40 -13.90 -9.13
N VAL C 9 19.10 -12.71 -8.59
CA VAL C 9 20.03 -11.95 -7.76
C VAL C 9 19.74 -12.28 -6.30
N VAL C 10 20.79 -12.65 -5.55
CA VAL C 10 20.63 -12.95 -4.13
C VAL C 10 21.69 -12.20 -3.35
N GLY C 11 21.42 -11.90 -2.09
CA GLY C 11 22.40 -11.26 -1.24
C GLY C 11 21.75 -10.46 -0.15
N ALA C 12 22.58 -10.00 0.78
CA ALA C 12 22.08 -9.27 1.96
C ALA C 12 21.33 -8.01 1.55
N GLY C 13 20.34 -7.64 2.38
CA GLY C 13 19.60 -6.41 2.15
C GLY C 13 20.28 -5.19 2.73
N GLY C 14 19.74 -4.02 2.37
CA GLY C 14 20.14 -2.76 2.98
C GLY C 14 21.49 -2.23 2.54
N VAL C 15 22.10 -2.81 1.51
CA VAL C 15 23.44 -2.38 1.12
C VAL C 15 23.55 -2.20 -0.40
N GLY C 16 22.46 -1.78 -1.04
CA GLY C 16 22.52 -1.35 -2.43
C GLY C 16 22.49 -2.44 -3.49
N LYS C 17 22.13 -3.67 -3.12
CA LYS C 17 22.04 -4.78 -4.06
C LYS C 17 21.21 -4.45 -5.30
N SER C 18 20.10 -3.72 -5.11
CA SER C 18 19.17 -3.48 -6.22
C SER C 18 19.76 -2.63 -7.34
N ALA C 19 20.85 -1.90 -7.07
CA ALA C 19 21.41 -1.03 -8.10
C ALA C 19 21.97 -1.83 -9.27
N LEU C 20 22.37 -3.08 -9.03
N LEU C 20 22.32 -3.09 -9.04
CA LEU C 20 22.88 -3.93 -10.09
CA LEU C 20 22.91 -3.91 -10.11
C LEU C 20 21.89 -4.05 -11.23
C LEU C 20 21.91 -4.13 -11.25
N THR C 21 20.70 -4.58 -10.93
CA THR C 21 19.73 -4.83 -11.99
C THR C 21 19.13 -3.53 -12.52
N ILE C 22 18.91 -2.55 -11.63
CA ILE C 22 18.40 -1.26 -12.09
C ILE C 22 19.33 -0.65 -13.13
N GLN C 23 20.64 -0.66 -12.85
CA GLN C 23 21.58 -0.03 -13.78
C GLN C 23 21.65 -0.81 -15.09
N LEU C 24 21.54 -2.14 -15.03
CA LEU C 24 21.57 -2.94 -16.25
C LEU C 24 20.37 -2.62 -17.12
N ILE C 25 19.18 -2.86 -16.58
CA ILE C 25 17.92 -2.79 -17.31
C ILE C 25 17.56 -1.35 -17.64
N GLN C 26 18.09 -0.41 -16.86
CA GLN C 26 17.77 1.00 -17.05
C GLN C 26 17.93 1.38 -18.51
N ASN C 27 17.13 2.36 -18.92
CA ASN C 27 17.67 3.32 -19.86
C ASN C 27 19.04 3.60 -19.30
N HIS C 28 20.08 2.93 -19.83
CA HIS C 28 21.44 3.11 -19.29
C HIS C 28 21.72 4.59 -19.06
N PHE C 29 21.26 5.43 -19.99
CA PHE C 29 21.65 6.83 -20.06
C PHE C 29 20.61 7.81 -19.54
N VAL C 30 19.47 7.35 -19.01
CA VAL C 30 18.61 8.24 -18.25
C VAL C 30 18.34 7.58 -16.91
N ASP C 31 18.75 8.25 -15.84
CA ASP C 31 18.72 7.68 -14.49
C ASP C 31 17.29 7.80 -13.98
N GLU C 32 16.49 6.77 -14.28
CA GLU C 32 15.06 6.77 -14.03
C GLU C 32 14.59 5.32 -14.01
N TYR C 33 13.45 5.07 -13.34
CA TYR C 33 12.96 3.71 -13.19
C TYR C 33 11.52 3.65 -12.68
N ASP C 34 10.69 2.83 -13.33
CA ASP C 34 9.42 2.40 -12.73
C ASP C 34 9.44 0.89 -12.64
N PRO C 35 9.67 0.31 -11.46
CA PRO C 35 9.75 -1.16 -11.36
C PRO C 35 8.42 -1.83 -11.53
N THR C 36 7.31 -1.08 -11.45
CA THR C 36 6.00 -1.69 -11.58
C THR C 36 5.66 -2.00 -13.02
N ILE C 37 6.31 -1.40 -14.00
CA ILE C 37 5.88 -1.60 -15.38
C ILE C 37 6.31 -2.99 -15.81
N GLU C 38 5.32 -3.78 -16.24
CA GLU C 38 5.54 -5.10 -16.80
C GLU C 38 6.76 -5.10 -17.70
N ASP C 39 7.74 -5.92 -17.31
CA ASP C 39 8.98 -6.12 -18.05
C ASP C 39 9.93 -4.94 -17.88
N SER C 40 10.05 -4.47 -16.63
N SER C 40 10.05 -4.46 -16.64
CA SER C 40 11.17 -3.67 -16.17
CA SER C 40 11.20 -3.66 -16.24
C SER C 40 12.33 -4.54 -15.72
C SER C 40 12.33 -4.54 -15.71
N TYR C 41 12.27 -5.83 -16.02
CA TYR C 41 13.24 -6.82 -15.57
C TYR C 41 13.53 -7.82 -16.68
N ARG C 42 13.16 -7.49 -17.91
CA ARG C 42 13.49 -8.26 -19.09
C ARG C 42 14.29 -7.39 -20.04
N LYS C 43 15.38 -7.93 -20.57
CA LYS C 43 16.26 -7.16 -21.44
C LYS C 43 16.83 -8.07 -22.51
N GLN C 44 16.69 -7.65 -23.77
CA GLN C 44 17.30 -8.36 -24.89
C GLN C 44 18.71 -7.84 -25.07
N VAL C 45 19.69 -8.76 -25.14
CA VAL C 45 21.10 -8.42 -25.19
C VAL C 45 21.78 -9.33 -26.20
N VAL C 46 22.96 -8.90 -26.66
CA VAL C 46 23.83 -9.70 -27.53
C VAL C 46 25.10 -10.00 -26.76
N ILE C 47 25.35 -11.28 -26.52
CA ILE C 47 26.50 -11.74 -25.75
C ILE C 47 27.32 -12.66 -26.64
N ASP C 48 28.55 -12.27 -26.94
CA ASP C 48 29.44 -13.01 -27.85
C ASP C 48 28.75 -13.25 -29.19
N GLY C 49 28.04 -12.25 -29.68
CA GLY C 49 27.40 -12.32 -30.97
C GLY C 49 26.11 -13.11 -31.01
N GLU C 50 25.60 -13.57 -29.88
CA GLU C 50 24.38 -14.38 -29.84
C GLU C 50 23.32 -13.62 -29.06
N THR C 51 22.21 -13.32 -29.73
CA THR C 51 21.12 -12.58 -29.08
C THR C 51 20.34 -13.47 -28.14
N CYS C 52 20.04 -12.94 -26.96
CA CYS C 52 19.25 -13.68 -25.98
C CYS C 52 18.44 -12.69 -25.17
N LEU C 53 17.52 -13.25 -24.37
CA LEU C 53 16.65 -12.47 -23.50
C LEU C 53 17.00 -12.79 -22.05
N LEU C 54 17.29 -11.77 -21.27
CA LEU C 54 17.54 -11.94 -19.84
C LEU C 54 16.27 -11.64 -19.07
N ASP C 55 15.86 -12.56 -18.22
CA ASP C 55 14.75 -12.34 -17.30
C ASP C 55 15.35 -12.37 -15.90
N ILE C 56 15.33 -11.22 -15.21
CA ILE C 56 16.08 -11.07 -13.97
C ILE C 56 15.10 -10.97 -12.82
N LEU C 57 15.26 -11.86 -11.85
CA LEU C 57 14.50 -11.80 -10.60
C LEU C 57 15.38 -11.18 -9.52
N ASP C 58 14.97 -10.02 -9.02
CA ASP C 58 15.65 -9.35 -7.91
C ASP C 58 14.56 -8.99 -6.91
N THR C 59 14.48 -9.75 -5.81
CA THR C 59 13.46 -9.51 -4.79
C THR C 59 13.98 -8.59 -3.70
N ALA C 60 14.91 -7.70 -4.04
CA ALA C 60 15.44 -6.75 -3.07
C ALA C 60 14.32 -6.11 -2.28
N GLY C 61 14.49 -6.05 -0.96
CA GLY C 61 13.48 -5.56 -0.06
C GLY C 61 12.70 -6.64 0.66
N GLN C 62 12.72 -7.87 0.13
CA GLN C 62 12.00 -8.99 0.73
C GLN C 62 12.89 -9.91 1.55
N GLU C 63 14.06 -9.42 1.97
CA GLU C 63 15.02 -10.31 2.63
C GLU C 63 14.48 -10.91 3.91
N GLU C 64 13.57 -10.21 4.61
CA GLU C 64 13.04 -10.75 5.85
C GLU C 64 12.08 -11.92 5.62
N TYR C 65 11.56 -12.08 4.40
CA TYR C 65 10.77 -13.27 4.06
C TYR C 65 11.72 -14.44 3.79
N SER C 66 12.41 -14.87 4.85
CA SER C 66 13.49 -15.84 4.67
C SER C 66 12.98 -17.21 4.26
N ALA C 67 11.74 -17.56 4.56
CA ALA C 67 11.23 -18.85 4.15
C ALA C 67 10.76 -18.86 2.71
N MET C 68 10.81 -17.72 2.01
CA MET C 68 10.51 -17.67 0.59
C MET C 68 11.74 -17.82 -0.28
N ARG C 69 12.94 -17.89 0.30
CA ARG C 69 14.16 -17.95 -0.52
C ARG C 69 14.14 -19.14 -1.45
N ASP C 70 13.76 -20.32 -0.94
CA ASP C 70 13.74 -21.51 -1.80
C ASP C 70 12.81 -21.30 -2.99
N GLN C 71 11.60 -20.83 -2.71
CA GLN C 71 10.61 -20.55 -3.75
C GLN C 71 11.17 -19.64 -4.84
N TYR C 72 11.82 -18.54 -4.45
CA TYR C 72 12.37 -17.62 -5.43
C TYR C 72 13.57 -18.23 -6.15
N MET C 73 14.48 -18.89 -5.41
CA MET C 73 15.69 -19.41 -6.03
C MET C 73 15.37 -20.54 -7.00
N ARG C 74 14.31 -21.29 -6.75
CA ARG C 74 13.98 -22.44 -7.58
C ARG C 74 13.75 -22.02 -9.03
N THR C 75 13.34 -20.77 -9.25
CA THR C 75 13.03 -20.29 -10.59
C THR C 75 14.27 -20.09 -11.47
N GLY C 76 15.46 -20.03 -10.88
CA GLY C 76 16.63 -19.55 -11.58
C GLY C 76 17.50 -20.63 -12.21
N GLU C 77 18.09 -20.27 -13.36
CA GLU C 77 19.14 -21.08 -13.98
C GLU C 77 20.54 -20.63 -13.61
N GLY C 78 20.71 -19.36 -13.28
CA GLY C 78 22.00 -18.84 -12.87
C GLY C 78 21.79 -17.77 -11.82
N PHE C 79 22.80 -17.56 -10.98
CA PHE C 79 22.65 -16.74 -9.80
C PHE C 79 23.78 -15.73 -9.68
N LEU C 80 23.44 -14.50 -9.34
CA LEU C 80 24.42 -13.49 -8.94
C LEU C 80 24.37 -13.40 -7.43
N CYS C 81 25.46 -13.78 -6.76
CA CYS C 81 25.53 -13.68 -5.30
C CYS C 81 26.26 -12.39 -4.98
N VAL C 82 25.54 -11.43 -4.40
CA VAL C 82 26.01 -10.04 -4.29
C VAL C 82 26.29 -9.72 -2.83
N PHE C 83 27.45 -9.12 -2.58
CA PHE C 83 27.73 -8.54 -1.27
C PHE C 83 28.22 -7.12 -1.49
N ALA C 84 28.23 -6.32 -0.43
CA ALA C 84 28.72 -4.95 -0.49
C ALA C 84 30.16 -4.90 0.01
N ILE C 85 31.04 -4.21 -0.73
CA ILE C 85 32.45 -4.22 -0.35
C ILE C 85 32.73 -3.43 0.91
N ASN C 86 31.76 -2.68 1.43
CA ASN C 86 31.93 -2.01 2.72
C ASN C 86 31.11 -2.67 3.83
N ASN C 87 30.66 -3.92 3.63
CA ASN C 87 29.85 -4.59 4.65
C ASN C 87 30.36 -6.03 4.78
N THR C 88 31.22 -6.26 5.76
N THR C 88 31.23 -6.27 5.76
CA THR C 88 31.84 -7.59 5.91
CA THR C 88 31.83 -7.60 5.89
C THR C 88 30.79 -8.66 6.18
C THR C 88 30.80 -8.67 6.20
N LYS C 89 29.74 -8.33 6.95
CA LYS C 89 28.71 -9.32 7.21
C LYS C 89 28.08 -9.83 5.92
N SER C 90 27.80 -8.92 4.97
CA SER C 90 27.19 -9.36 3.71
C SER C 90 28.11 -10.30 2.95
N PHE C 91 29.43 -10.10 3.09
CA PHE C 91 30.39 -10.99 2.46
C PHE C 91 30.40 -12.34 3.15
N GLU C 92 30.35 -12.34 4.49
CA GLU C 92 30.30 -13.59 5.24
C GLU C 92 29.00 -14.36 4.99
N ASP C 93 27.92 -13.69 4.60
CA ASP C 93 26.66 -14.36 4.26
C ASP C 93 26.75 -15.19 2.98
N ILE C 94 27.76 -14.94 2.13
CA ILE C 94 27.77 -15.55 0.80
C ILE C 94 27.77 -17.07 0.89
N HIS C 95 28.57 -17.63 1.81
CA HIS C 95 28.68 -19.08 1.91
C HIS C 95 27.30 -19.72 2.06
N GLN C 96 26.45 -19.18 2.93
CA GLN C 96 25.15 -19.80 3.15
C GLN C 96 24.20 -19.60 1.97
N TYR C 97 24.28 -18.46 1.28
CA TYR C 97 23.51 -18.31 0.04
C TYR C 97 23.89 -19.38 -0.97
N ARG C 98 25.19 -19.59 -1.16
CA ARG C 98 25.64 -20.60 -2.12
C ARG C 98 25.17 -21.99 -1.71
N GLU C 99 25.29 -22.31 -0.42
CA GLU C 99 24.81 -23.61 0.04
C GLU C 99 23.32 -23.78 -0.20
N GLN C 100 22.55 -22.71 0.00
CA GLN C 100 21.11 -22.81 -0.19
C GLN C 100 20.75 -22.97 -1.66
N ILE C 101 21.48 -22.29 -2.55
CA ILE C 101 21.27 -22.46 -3.99
C ILE C 101 21.57 -23.89 -4.41
N LYS C 102 22.69 -24.45 -3.96
CA LYS C 102 23.03 -25.83 -4.29
C LYS C 102 21.95 -26.79 -3.82
N ARG C 103 21.37 -26.53 -2.65
CA ARG C 103 20.32 -27.41 -2.14
C ARG C 103 19.04 -27.29 -2.96
N VAL C 104 18.60 -26.06 -3.27
N VAL C 104 18.59 -26.06 -3.24
CA VAL C 104 17.32 -25.94 -3.99
CA VAL C 104 17.36 -25.88 -4.00
C VAL C 104 17.45 -26.41 -5.44
C VAL C 104 17.49 -26.49 -5.39
N LYS C 105 18.64 -26.29 -6.04
CA LYS C 105 18.84 -26.78 -7.39
C LYS C 105 19.26 -28.25 -7.41
N ASP C 106 19.54 -28.82 -6.24
CA ASP C 106 19.99 -30.22 -6.11
C ASP C 106 21.19 -30.49 -7.00
N SER C 107 22.17 -29.59 -6.94
CA SER C 107 23.35 -29.70 -7.77
C SER C 107 24.54 -29.06 -7.06
N ASP C 108 25.71 -29.68 -7.20
CA ASP C 108 26.93 -29.09 -6.67
C ASP C 108 27.57 -28.12 -7.65
N ASP C 109 27.03 -28.00 -8.86
CA ASP C 109 27.62 -27.18 -9.93
C ASP C 109 26.52 -26.34 -10.56
N VAL C 110 26.11 -25.29 -9.86
CA VAL C 110 25.08 -24.37 -10.33
C VAL C 110 25.78 -23.13 -10.90
N PRO C 111 25.42 -22.67 -12.10
CA PRO C 111 26.03 -21.44 -12.65
C PRO C 111 25.82 -20.27 -11.71
N MET C 112 26.93 -19.63 -11.30
CA MET C 112 26.81 -18.50 -10.40
C MET C 112 28.06 -17.66 -10.49
N VAL C 113 27.92 -16.40 -10.11
CA VAL C 113 29.03 -15.46 -10.08
C VAL C 113 28.96 -14.76 -8.74
N LEU C 114 30.14 -14.42 -8.22
CA LEU C 114 30.26 -13.61 -7.01
C LEU C 114 30.41 -12.16 -7.43
N VAL C 115 29.62 -11.27 -6.85
CA VAL C 115 29.62 -9.85 -7.21
C VAL C 115 29.89 -9.01 -5.97
N GLY C 116 30.96 -8.22 -6.00
CA GLY C 116 31.25 -7.27 -4.96
C GLY C 116 30.80 -5.90 -5.42
N ASN C 117 29.87 -5.31 -4.69
CA ASN C 117 29.18 -4.09 -5.11
C ASN C 117 29.65 -2.91 -4.28
N LYS C 118 30.04 -1.82 -4.94
N LYS C 118 30.08 -1.83 -4.94
CA LYS C 118 30.45 -0.59 -4.28
CA LYS C 118 30.46 -0.61 -4.24
C LYS C 118 29.23 0.33 -4.26
C LYS C 118 29.25 0.31 -4.25
N CYS C 119 28.59 0.45 -3.10
CA CYS C 119 27.30 1.13 -3.02
C CYS C 119 27.39 2.54 -2.47
N ASP C 120 28.54 2.95 -1.94
CA ASP C 120 28.74 4.33 -1.54
C ASP C 120 30.23 4.59 -1.41
N LEU C 121 30.58 5.74 -0.84
CA LEU C 121 31.96 6.13 -0.63
C LEU C 121 32.45 5.79 0.77
N ALA C 122 31.64 5.11 1.58
CA ALA C 122 32.11 4.59 2.85
C ALA C 122 33.27 3.63 2.63
N ALA C 123 34.11 3.48 3.65
CA ALA C 123 35.38 2.78 3.47
C ALA C 123 35.16 1.31 3.15
N ARG C 124 35.91 0.82 2.16
CA ARG C 124 35.88 -0.59 1.83
C ARG C 124 36.41 -1.42 3.01
N THR C 125 35.72 -2.52 3.33
CA THR C 125 36.17 -3.43 4.37
C THR C 125 36.47 -4.83 3.86
N VAL C 126 36.06 -5.15 2.64
CA VAL C 126 36.38 -6.43 2.00
C VAL C 126 37.32 -6.13 0.85
N GLU C 127 38.57 -6.59 0.95
CA GLU C 127 39.52 -6.35 -0.12
C GLU C 127 39.28 -7.29 -1.29
N SER C 128 39.63 -6.80 -2.49
N SER C 128 39.66 -6.85 -2.49
CA SER C 128 39.55 -7.60 -3.72
CA SER C 128 39.43 -7.67 -3.67
C SER C 128 40.12 -8.99 -3.53
C SER C 128 40.14 -9.02 -3.58
N ARG C 129 41.31 -9.07 -2.93
CA ARG C 129 41.99 -10.36 -2.79
C ARG C 129 41.18 -11.34 -1.97
N GLN C 130 40.55 -10.87 -0.88
CA GLN C 130 39.69 -11.76 -0.09
C GLN C 130 38.57 -12.35 -0.92
N ALA C 131 37.92 -11.50 -1.73
CA ALA C 131 36.79 -11.96 -2.53
C ALA C 131 37.26 -12.84 -3.69
N GLN C 132 38.41 -12.51 -4.31
CA GLN C 132 38.97 -13.40 -5.32
C GLN C 132 39.28 -14.77 -4.75
N ASP C 133 39.88 -14.80 -3.55
CA ASP C 133 40.18 -16.09 -2.94
C ASP C 133 38.92 -16.90 -2.68
N LEU C 134 37.86 -16.24 -2.19
CA LEU C 134 36.60 -16.95 -1.96
C LEU C 134 36.04 -17.50 -3.25
N ALA C 135 35.96 -16.66 -4.29
CA ALA C 135 35.43 -17.11 -5.58
C ALA C 135 36.24 -18.28 -6.12
N ARG C 136 37.57 -18.21 -6.01
CA ARG C 136 38.40 -19.30 -6.51
C ARG C 136 38.15 -20.58 -5.69
N SER C 137 37.93 -20.45 -4.39
CA SER C 137 37.66 -21.65 -3.60
C SER C 137 36.35 -22.32 -4.04
N TYR C 138 35.41 -21.54 -4.58
CA TYR C 138 34.16 -22.04 -5.11
C TYR C 138 34.24 -22.41 -6.59
N GLY C 139 35.29 -22.02 -7.30
CA GLY C 139 35.34 -22.25 -8.72
C GLY C 139 34.40 -21.40 -9.53
N ILE C 140 34.18 -20.15 -9.12
CA ILE C 140 33.25 -19.26 -9.83
C ILE C 140 33.94 -17.92 -10.09
N PRO C 141 33.45 -17.16 -11.07
CA PRO C 141 34.04 -15.84 -11.35
C PRO C 141 33.70 -14.83 -10.26
N TYR C 142 34.56 -13.81 -10.17
CA TYR C 142 34.33 -12.65 -9.30
C TYR C 142 34.31 -11.39 -10.16
N ILE C 143 33.29 -10.57 -9.99
CA ILE C 143 33.14 -9.29 -10.68
C ILE C 143 32.87 -8.22 -9.63
N GLU C 144 33.56 -7.09 -9.73
CA GLU C 144 33.23 -5.94 -8.88
C GLU C 144 32.47 -4.90 -9.69
N THR C 145 31.48 -4.28 -9.06
CA THR C 145 30.60 -3.34 -9.72
C THR C 145 30.46 -2.06 -8.91
N SER C 146 30.14 -0.97 -9.59
CA SER C 146 29.80 0.28 -8.93
C SER C 146 28.29 0.48 -9.00
N ALA C 147 27.69 0.87 -7.87
CA ALA C 147 26.26 1.15 -7.82
C ALA C 147 25.93 2.51 -8.39
N LYS C 148 26.94 3.30 -8.75
CA LYS C 148 26.71 4.66 -9.22
C LYS C 148 27.17 4.93 -10.65
N THR C 149 28.23 4.27 -11.13
CA THR C 149 28.80 4.58 -12.44
C THR C 149 28.48 3.54 -13.50
N ARG C 150 27.76 2.48 -13.12
CA ARG C 150 27.44 1.33 -13.96
C ARG C 150 28.67 0.49 -14.32
N GLN C 151 29.85 0.80 -13.80
CA GLN C 151 31.02 -0.03 -14.09
C GLN C 151 30.81 -1.45 -13.56
N GLY C 152 31.21 -2.43 -14.37
CA GLY C 152 31.12 -3.83 -13.98
C GLY C 152 29.76 -4.47 -14.16
N VAL C 153 28.70 -3.69 -14.37
CA VAL C 153 27.35 -4.24 -14.34
C VAL C 153 27.13 -5.20 -15.51
N GLU C 154 27.46 -4.76 -16.73
N GLU C 154 27.45 -4.75 -16.72
CA GLU C 154 27.31 -5.65 -17.88
CA GLU C 154 27.34 -5.64 -17.88
C GLU C 154 28.22 -6.88 -17.73
C GLU C 154 28.21 -6.87 -17.71
N ASP C 155 29.44 -6.69 -17.24
CA ASP C 155 30.35 -7.81 -17.04
C ASP C 155 29.75 -8.84 -16.08
N ALA C 156 29.09 -8.40 -15.02
CA ALA C 156 28.52 -9.36 -14.07
C ALA C 156 27.47 -10.23 -14.73
N PHE C 157 26.52 -9.61 -15.44
CA PHE C 157 25.44 -10.40 -16.03
C PHE C 157 25.94 -11.23 -17.21
N TYR C 158 26.79 -10.64 -18.05
CA TYR C 158 27.30 -11.39 -19.21
C TYR C 158 28.17 -12.56 -18.79
N THR C 159 28.99 -12.36 -17.75
CA THR C 159 29.80 -13.47 -17.25
C THR C 159 28.91 -14.61 -16.77
N LEU C 160 27.81 -14.28 -16.08
CA LEU C 160 26.89 -15.33 -15.63
C LEU C 160 26.26 -16.06 -16.81
N VAL C 161 25.85 -15.34 -17.85
CA VAL C 161 25.30 -16.01 -19.02
C VAL C 161 26.34 -16.96 -19.63
N ARG C 162 27.60 -16.54 -19.68
CA ARG C 162 28.65 -17.42 -20.19
C ARG C 162 28.81 -18.65 -19.31
N GLU C 163 28.66 -18.49 -17.98
CA GLU C 163 28.71 -19.66 -17.10
C GLU C 163 27.57 -20.62 -17.41
N ILE C 164 26.39 -20.09 -17.71
CA ILE C 164 25.27 -20.96 -18.08
C ILE C 164 25.55 -21.66 -19.40
N ARG C 165 25.98 -20.89 -20.40
CA ARG C 165 26.23 -21.46 -21.72
C ARG C 165 27.30 -22.55 -21.69
N GLN C 166 28.28 -22.42 -20.80
CA GLN C 166 29.40 -23.34 -20.74
C GLN C 166 29.23 -24.42 -19.68
N HIS C 167 28.07 -24.48 -19.03
CA HIS C 167 27.83 -25.46 -17.99
C HIS C 167 27.96 -26.89 -18.51
PG GNP D . -19.30 19.05 6.96
O1G GNP D . -18.01 18.31 6.54
O2G GNP D . -18.96 20.19 7.89
O3G GNP D . -20.04 19.54 5.71
N3B GNP D . -20.28 17.97 7.83
PB GNP D . -20.75 16.49 7.26
O1B GNP D . -19.55 15.76 6.70
O2B GNP D . -21.88 16.64 6.28
O3A GNP D . -21.34 15.72 8.55
PA GNP D . -20.56 14.70 9.49
O1A GNP D . -20.38 13.38 8.75
O2A GNP D . -19.34 15.36 10.06
O5' GNP D . -21.64 14.45 10.58
C5' GNP D . -22.15 15.52 11.40
C4' GNP D . -22.72 14.92 12.65
O4' GNP D . -23.89 14.13 12.32
C3' GNP D . -21.79 13.99 13.43
O3' GNP D . -21.97 14.16 14.83
C2' GNP D . -22.24 12.60 12.98
O2' GNP D . -21.99 11.58 13.95
C1' GNP D . -23.74 12.82 12.80
N9 GNP D . -24.32 11.90 11.80
C8 GNP D . -23.91 11.74 10.50
N7 GNP D . -24.62 10.83 9.86
C5 GNP D . -25.55 10.39 10.78
C6 GNP D . -26.59 9.40 10.67
O6 GNP D . -26.88 8.74 9.69
N1 GNP D . -27.30 9.27 11.85
C2 GNP D . -27.05 9.97 13.01
N2 GNP D . -27.83 9.70 14.06
N3 GNP D . -26.08 10.88 13.12
C4 GNP D . -25.38 11.04 11.98
MG MG E . -17.63 16.33 6.44
N1 FV4 F . 5.41 -29.52 -8.14
N3 FV4 F . 8.07 -33.81 -7.88
C4 FV4 F . 6.23 -30.12 -4.57
C5 FV4 F . 5.94 -30.25 -7.13
C6 FV4 F . 4.92 -28.36 -7.50
C7 FV4 F . 4.28 -27.24 -8.05
C8 FV4 F . 3.91 -26.22 -7.19
C10 FV4 F . 4.79 -27.38 -5.22
C13 FV4 F . 6.72 -33.87 -7.27
C15 FV4 F . 7.97 -31.39 -7.80
C17 FV4 F . 4.63 -32.40 -2.06
N FV4 F . 5.81 -29.63 -5.87
C FV4 F . 1.39 -31.59 -3.90
C1 FV4 F . 2.85 -31.61 -3.54
C11 FV4 F . 5.16 -28.41 -6.10
C12 FV4 F . 5.93 -32.63 -7.70
C14 FV4 F . 8.83 -32.60 -7.44
C16 FV4 F . 5.56 -31.67 -2.78
C18 FV4 F . 5.01 -33.19 -0.85
C19 FV4 F . 3.29 -32.36 -2.45
C2 FV4 F . 3.80 -30.88 -4.26
C3 FV4 F . 5.16 -30.92 -3.87
C9 FV4 F . 4.18 -26.32 -5.82
F FV4 F . 2.42 -33.11 -1.76
N2 FV4 F . 6.65 -31.48 -7.17
CL FV4 F . 3.74 -24.98 -4.80
C FMT G . -7.33 34.68 -10.60
O1 FMT G . -7.47 33.54 -10.16
O2 FMT G . -6.30 35.34 -10.47
C FMT H . -18.20 -28.35 22.51
O1 FMT H . -18.55 -27.90 21.41
O2 FMT H . -17.47 -29.33 22.65
C FMT I . -10.90 22.76 -0.56
O1 FMT I . -11.60 23.32 -1.40
O2 FMT I . -9.67 22.73 -0.59
C FMT J . -1.39 30.55 -5.61
O1 FMT J . -2.09 30.15 -4.69
O2 FMT J . -1.86 30.98 -6.67
C FMT K . -0.66 -43.48 18.45
O1 FMT K . -0.87 -43.79 17.29
O2 FMT K . 0.37 -42.94 18.86
C1 GOL L . -11.68 -6.76 11.41
O1 GOL L . -12.00 -5.67 12.23
C2 GOL L . -10.16 -6.90 11.51
O2 GOL L . -9.78 -7.24 12.81
C3 GOL L . -9.73 -7.97 10.45
O3 GOL L . -10.05 -7.49 9.15
C1 GOL M . -14.62 -19.38 5.30
O1 GOL M . -15.28 -18.57 6.21
C2 GOL M . -15.66 -20.37 4.73
O2 GOL M . -16.84 -19.73 4.39
C3 GOL M . -14.98 -20.93 3.48
O3 GOL M . -14.93 -22.32 3.60
C FMT N . 18.78 -3.32 -1.52
O1 FMT N . 18.94 -2.90 -2.67
O2 FMT N . 18.62 -4.50 -1.20
NA NA O . 31.98 -4.01 7.45
#